data_3ASR
#
_entry.id   3ASR
#
_cell.length_a   74.733
_cell.length_b   74.733
_cell.length_c   107.039
_cell.angle_alpha   90.000
_cell.angle_beta   90.000
_cell.angle_gamma   120.000
#
_symmetry.space_group_name_H-M   'P 31'
#
loop_
_entity.id
_entity.type
_entity.pdbx_description
1 polymer 'Capsid protein'
2 branched beta-D-galactopyranose-(1-3)-[alpha-L-fucopyranose-(1-4)]2-acetamido-2-deoxy-beta-D-glucopyranose
3 non-polymer 'SODIUM ION'
4 non-polymer P-NITROPHENOL
5 water water
#
_entity_poly.entity_id   1
_entity_poly.type   'polypeptide(L)'
_entity_poly.pdbx_seq_one_letter_code
;GPLGSVPPTIEQKTRAFTVPNIPLQTLSNSRFPSLIQGMILSPDASQVVQFQNGRCLIDGQLLGTTPATSGQLFRVRGKI
NQGARTLNLTEVDGKPFMAFDSPAPVGFPDFGKCDWHMRISKTPNNTSSGDPMRSVSVQTNVQGFVPHLGSIQFDEVFNH
PTGDYIGTIEWISQPSTPPGTDINLWEIPDYGSSLSQAANLAPPVFPPGFGEALVYFVSAFPGPNNRSAPNDVPCLLPQE
YITHFVSEQAPTMGDAALLHYVDPDTNRNLGEFKLYPGGYLTCVPNGVGAGPQQLPLNGVFLFVSWVSRFYQLKPVGTAS
TARSRL
;
_entity_poly.pdbx_strand_id   A,B
#
loop_
_chem_comp.id
_chem_comp.type
_chem_comp.name
_chem_comp.formula
FUC L-saccharide, alpha linking alpha-L-fucopyranose 'C6 H12 O5'
GAL D-saccharide, beta linking beta-D-galactopyranose 'C6 H12 O6'
NA non-polymer 'SODIUM ION' 'Na 1'
NAG D-saccharide, beta linking 2-acetamido-2-deoxy-beta-D-glucopyranose 'C8 H15 N O6'
NPO non-polymer P-NITROPHENOL 'C6 H5 N O3'
#
# COMPACT_ATOMS: atom_id res chain seq x y z
N THR A 9 -2.71 -23.51 21.68
CA THR A 9 -2.62 -24.86 21.07
C THR A 9 -1.17 -25.24 20.76
N ILE A 10 -0.94 -26.53 20.50
CA ILE A 10 0.38 -27.03 20.10
C ILE A 10 0.79 -26.43 18.74
N GLU A 11 -0.15 -26.47 17.78
CA GLU A 11 0.07 -25.95 16.44
C GLU A 11 0.64 -24.52 16.43
N GLN A 12 0.02 -23.63 17.21
CA GLN A 12 0.44 -22.24 17.30
C GLN A 12 1.84 -22.07 17.89
N LYS A 13 2.15 -22.85 18.93
CA LYS A 13 3.45 -22.78 19.59
C LYS A 13 4.54 -23.56 18.84
N THR A 14 4.13 -24.34 17.84
CA THR A 14 5.06 -25.11 17.02
C THR A 14 5.05 -24.66 15.55
N ARG A 15 4.35 -23.56 15.28
CA ARG A 15 4.22 -23.02 13.92
C ARG A 15 5.59 -22.62 13.36
N ALA A 16 5.93 -23.19 12.21
CA ALA A 16 7.23 -22.97 11.58
C ALA A 16 7.36 -21.54 11.03
N PHE A 17 8.53 -20.97 11.20
CA PHE A 17 8.83 -19.62 10.70
C PHE A 17 8.98 -19.64 9.18
N THR A 18 8.38 -18.64 8.52
CA THR A 18 8.49 -18.46 7.08
C THR A 18 8.60 -16.97 6.74
N VAL A 19 9.10 -16.68 5.54
CA VAL A 19 9.07 -15.32 4.98
C VAL A 19 8.34 -15.38 3.62
N PRO A 20 7.69 -14.27 3.21
CA PRO A 20 7.00 -14.22 1.91
C PRO A 20 7.89 -14.64 0.74
N ASN A 21 7.39 -15.55 -0.09
CA ASN A 21 8.13 -16.10 -1.21
C ASN A 21 7.85 -15.30 -2.50
N ILE A 22 8.31 -14.06 -2.53
CA ILE A 22 8.03 -13.12 -3.61
C ILE A 22 9.32 -12.33 -3.88
N PRO A 23 9.67 -12.12 -5.17
CA PRO A 23 10.89 -11.36 -5.49
C PRO A 23 10.91 -9.98 -4.86
N LEU A 24 12.10 -9.51 -4.48
CA LEU A 24 12.27 -8.27 -3.76
C LEU A 24 11.66 -7.06 -4.48
N GLN A 25 11.89 -6.99 -5.79
CA GLN A 25 11.42 -5.86 -6.61
C GLN A 25 9.88 -5.73 -6.64
N THR A 26 9.20 -6.75 -6.17
CA THR A 26 7.73 -6.81 -6.16
C THR A 26 7.20 -6.46 -4.77
N LEU A 27 8.11 -6.40 -3.80
CA LEU A 27 7.75 -6.07 -2.42
C LEU A 27 7.74 -4.56 -2.16
N SER A 28 7.13 -4.15 -1.04
CA SER A 28 6.87 -2.73 -0.77
C SER A 28 7.69 -2.14 0.37
N ASN A 29 8.00 -0.87 0.27
CA ASN A 29 8.65 -0.10 1.34
C ASN A 29 7.70 -0.04 2.53
N SER A 30 8.25 -0.03 3.74
CA SER A 30 7.42 0.01 4.95
C SER A 30 7.35 1.39 5.61
N ARG A 31 7.94 2.39 4.98
CA ARG A 31 7.82 3.77 5.44
C ARG A 31 6.85 4.59 4.60
N PHE A 32 6.62 4.15 3.36
CA PHE A 32 5.51 4.65 2.53
C PHE A 32 5.17 3.61 1.47
N PRO A 33 3.90 3.57 1.00
CA PRO A 33 3.52 2.52 0.06
C PRO A 33 4.11 2.74 -1.33
N SER A 34 5.12 1.94 -1.65
CA SER A 34 5.80 2.00 -2.93
C SER A 34 6.65 0.77 -3.07
N LEU A 35 6.90 0.36 -4.31
CA LEU A 35 7.80 -0.76 -4.55
C LEU A 35 9.21 -0.47 -4.06
N ILE A 36 9.88 -1.51 -3.57
CA ILE A 36 11.29 -1.45 -3.23
C ILE A 36 12.10 -1.36 -4.53
N GLN A 37 13.02 -0.40 -4.57
CA GLN A 37 13.81 -0.13 -5.76
C GLN A 37 15.30 -0.47 -5.60
N GLY A 38 15.73 -0.78 -4.39
CA GLY A 38 17.12 -1.12 -4.15
C GLY A 38 17.38 -1.56 -2.73
N MET A 39 18.53 -2.21 -2.53
CA MET A 39 19.07 -2.54 -1.22
C MET A 39 20.37 -1.78 -1.06
N ILE A 40 20.56 -1.13 0.08
CA ILE A 40 21.80 -0.39 0.33
C ILE A 40 22.31 -0.60 1.75
N LEU A 41 23.57 -0.23 1.96
CA LEU A 41 24.11 -0.02 3.30
C LEU A 41 24.01 1.46 3.60
N SER A 42 24.00 1.84 4.87
CA SER A 42 24.04 3.26 5.20
C SER A 42 25.38 3.87 4.77
N PRO A 43 25.35 5.08 4.17
CA PRO A 43 26.59 5.77 3.76
C PRO A 43 27.57 5.91 4.91
N ASP A 44 27.06 6.28 6.09
CA ASP A 44 27.85 6.30 7.33
C ASP A 44 27.75 4.91 7.96
N ALA A 45 28.89 4.24 8.09
CA ALA A 45 28.94 2.90 8.69
C ALA A 45 28.52 2.89 10.16
N SER A 46 28.55 4.05 10.81
CA SER A 46 28.14 4.17 12.21
C SER A 46 26.68 4.63 12.37
N GLN A 47 25.95 4.69 11.27
CA GLN A 47 24.57 5.19 11.30
C GLN A 47 23.66 4.33 12.19
N VAL A 48 23.09 4.98 13.21
CA VAL A 48 22.02 4.42 14.03
C VAL A 48 20.70 4.92 13.45
N VAL A 49 19.71 4.04 13.37
CA VAL A 49 18.39 4.43 12.87
C VAL A 49 17.34 4.19 13.95
N GLN A 50 16.25 4.96 13.89
CA GLN A 50 15.14 4.84 14.85
C GLN A 50 13.81 5.09 14.14
N PHE A 51 13.68 4.54 12.94
CA PHE A 51 12.43 4.63 12.19
C PHE A 51 11.25 4.19 13.08
N GLN A 52 10.11 4.86 12.92
CA GLN A 52 8.92 4.49 13.69
C GLN A 52 7.94 3.64 12.91
N ASN A 53 8.01 3.72 11.58
CA ASN A 53 7.31 2.77 10.72
C ASN A 53 8.26 1.70 10.20
N GLY A 54 7.69 0.60 9.77
CA GLY A 54 8.48 -0.54 9.32
C GLY A 54 9.23 -1.21 10.46
N ARG A 55 8.63 -1.21 11.64
CA ARG A 55 9.24 -1.84 12.83
C ARG A 55 8.34 -2.95 13.36
N CYS A 56 8.85 -4.18 13.31
CA CYS A 56 8.09 -5.33 13.77
C CYS A 56 9.04 -6.45 14.18
N LEU A 57 8.79 -7.02 15.37
CA LEU A 57 9.53 -8.20 15.79
C LEU A 57 9.11 -9.38 14.93
N ILE A 58 10.00 -10.32 14.71
CA ILE A 58 9.70 -11.39 13.75
C ILE A 58 8.69 -12.43 14.24
N ASP A 59 8.29 -12.31 15.50
CA ASP A 59 7.13 -13.06 16.01
C ASP A 59 5.82 -12.27 15.87
N GLY A 60 5.87 -11.13 15.19
CA GLY A 60 4.67 -10.39 14.83
C GLY A 60 4.25 -9.23 15.73
N GLN A 61 5.12 -8.83 16.65
CA GLN A 61 4.85 -7.72 17.55
C GLN A 61 5.21 -6.38 16.89
N LEU A 62 4.19 -5.58 16.57
CA LEU A 62 4.40 -4.25 15.98
C LEU A 62 5.01 -3.26 16.97
N LEU A 63 5.87 -2.39 16.46
CA LEU A 63 6.53 -1.36 17.27
C LEU A 63 6.29 0.03 16.72
N GLY A 64 6.49 1.05 17.56
CA GLY A 64 6.40 2.45 17.13
C GLY A 64 5.02 2.81 16.64
N THR A 65 4.95 3.29 15.40
CA THR A 65 3.68 3.63 14.77
C THR A 65 3.34 2.66 13.63
N THR A 66 4.07 1.54 13.57
CA THR A 66 3.96 0.62 12.44
C THR A 66 2.58 -0.03 12.30
N PRO A 67 1.93 0.13 11.12
CA PRO A 67 0.68 -0.57 10.84
C PRO A 67 0.91 -2.00 10.39
N ALA A 68 -0.10 -2.85 10.56
CA ALA A 68 0.00 -4.23 10.13
C ALA A 68 0.06 -4.34 8.61
N THR A 69 -0.62 -3.41 7.94
CA THR A 69 -0.77 -3.44 6.47
C THR A 69 -0.50 -2.07 5.86
N SER A 70 -0.39 -2.04 4.52
CA SER A 70 -0.11 -0.81 3.78
CA SER A 70 -0.09 -0.79 3.81
C SER A 70 -1.30 0.16 3.76
N GLY A 71 -2.49 -0.36 4.02
CA GLY A 71 -3.72 0.44 3.93
C GLY A 71 -3.75 1.63 4.87
N GLN A 72 -2.99 1.50 5.97
CA GLN A 72 -2.98 2.45 7.06
C GLN A 72 -1.69 3.29 7.04
N LEU A 73 -0.76 2.91 6.18
CA LEU A 73 0.58 3.48 6.19
C LEU A 73 0.69 4.83 5.49
N PHE A 74 1.37 5.78 6.15
CA PHE A 74 1.74 7.07 5.56
C PHE A 74 0.51 7.94 5.28
N ARG A 75 -0.43 7.90 6.22
CA ARG A 75 -1.64 8.71 6.14
C ARG A 75 -1.70 9.60 7.38
N VAL A 76 -2.34 10.75 7.23
CA VAL A 76 -2.56 11.69 8.33
C VAL A 76 -4.04 12.06 8.35
N ARG A 77 -4.63 12.08 9.54
CA ARG A 77 -6.01 12.47 9.71
C ARG A 77 -6.17 13.31 10.97
N GLY A 78 -7.04 14.31 10.92
CA GLY A 78 -7.30 15.11 12.11
C GLY A 78 -8.40 16.13 11.90
N LYS A 79 -8.74 16.83 12.97
CA LYS A 79 -9.69 17.93 12.92
C LYS A 79 -8.95 19.27 12.90
N ILE A 80 -9.42 20.18 12.06
CA ILE A 80 -8.90 21.55 12.06
C ILE A 80 -10.05 22.56 12.00
N ASN A 81 -9.92 23.65 12.76
CA ASN A 81 -10.88 24.74 12.69
C ASN A 81 -10.48 25.75 11.63
N GLN A 82 -11.47 26.26 10.92
CA GLN A 82 -11.26 27.34 9.95
C GLN A 82 -10.60 28.53 10.63
N GLY A 83 -9.53 29.05 10.01
CA GLY A 83 -8.78 30.19 10.55
C GLY A 83 -7.64 29.80 11.47
N ALA A 84 -7.51 28.50 11.75
CA ALA A 84 -6.45 27.99 12.63
C ALA A 84 -5.28 27.41 11.84
N ARG A 85 -4.22 27.03 12.55
CA ARG A 85 -3.04 26.40 11.95
C ARG A 85 -2.83 25.00 12.53
N THR A 86 -3.66 24.61 13.49
CA THR A 86 -3.47 23.39 14.27
C THR A 86 -4.35 22.24 13.82
N LEU A 87 -3.71 21.15 13.40
CA LEU A 87 -4.42 19.92 13.05
C LEU A 87 -4.41 19.01 14.27
N ASN A 88 -5.59 18.73 14.81
CA ASN A 88 -5.73 17.85 15.97
C ASN A 88 -5.91 16.41 15.53
N LEU A 89 -4.86 15.63 15.73
CA LEU A 89 -4.73 14.29 15.15
C LEU A 89 -5.72 13.27 15.70
N THR A 90 -6.18 12.41 14.80
CA THR A 90 -6.91 11.20 15.15
C THR A 90 -6.21 10.03 14.46
N GLU A 91 -6.66 8.82 14.76
CA GLU A 91 -6.23 7.65 14.00
C GLU A 91 -6.81 7.76 12.57
N VAL A 92 -6.21 7.03 11.64
CA VAL A 92 -6.60 7.07 10.22
C VAL A 92 -8.07 6.71 10.00
N ASP A 93 -8.63 5.90 10.90
CA ASP A 93 -10.04 5.53 10.82
C ASP A 93 -11.00 6.54 11.46
N GLY A 94 -10.44 7.60 12.04
CA GLY A 94 -11.23 8.68 12.64
C GLY A 94 -11.42 8.58 14.14
N LYS A 95 -11.04 7.43 14.71
CA LYS A 95 -11.14 7.24 16.16
C LYS A 95 -10.07 8.04 16.90
N PRO A 96 -10.35 8.42 18.17
CA PRO A 96 -9.40 9.26 18.91
C PRO A 96 -8.00 8.67 18.99
N PHE A 97 -7.02 9.53 18.87
CA PHE A 97 -5.64 9.14 19.10
C PHE A 97 -5.35 9.24 20.59
N MET A 98 -5.07 8.10 21.20
CA MET A 98 -4.72 8.07 22.61
C MET A 98 -3.27 8.51 22.77
N ALA A 99 -3.10 9.81 23.00
CA ALA A 99 -1.81 10.44 23.19
C ALA A 99 -1.15 9.94 24.47
N PHE A 100 0.18 10.08 24.54
CA PHE A 100 1.00 9.58 25.67
C PHE A 100 1.18 8.06 25.66
N ASP A 101 0.33 7.36 24.90
CA ASP A 101 0.46 5.93 24.68
C ASP A 101 1.45 5.63 23.55
N SER A 102 1.46 6.47 22.53
CA SER A 102 2.24 6.24 21.32
C SER A 102 2.92 7.54 20.89
N PRO A 103 3.96 7.45 20.03
CA PRO A 103 4.59 8.69 19.56
C PRO A 103 3.67 9.48 18.63
N ALA A 104 2.78 8.76 17.92
CA ALA A 104 1.85 9.36 16.97
C ALA A 104 0.79 8.32 16.58
N PRO A 105 -0.25 8.76 15.84
CA PRO A 105 -1.23 7.77 15.37
C PRO A 105 -0.57 6.69 14.52
N VAL A 106 -1.17 5.52 14.47
CA VAL A 106 -0.65 4.42 13.65
C VAL A 106 -0.56 4.87 12.20
N GLY A 107 0.58 4.60 11.56
CA GLY A 107 0.77 4.94 10.15
C GLY A 107 1.24 6.36 9.89
N PHE A 108 1.29 7.19 10.94
CA PHE A 108 1.74 8.58 10.80
C PHE A 108 3.15 8.61 10.20
N PRO A 109 3.41 9.54 9.26
CA PRO A 109 4.75 9.57 8.63
C PRO A 109 5.90 9.80 9.59
N ASP A 110 7.02 9.15 9.32
CA ASP A 110 8.21 9.26 10.17
C ASP A 110 9.39 9.90 9.42
N PHE A 111 9.08 10.77 8.47
CA PHE A 111 10.10 11.45 7.66
C PHE A 111 10.66 12.64 8.44
N GLY A 112 11.89 12.49 8.95
CA GLY A 112 12.57 13.58 9.66
C GLY A 112 13.42 14.42 8.72
N LYS A 113 13.88 15.55 9.24
CA LYS A 113 14.82 16.43 8.53
C LYS A 113 14.38 16.78 7.10
N CYS A 114 13.15 17.27 7.01
CA CYS A 114 12.57 17.75 5.76
C CYS A 114 11.29 18.53 6.05
N ASP A 115 10.86 19.33 5.08
CA ASP A 115 9.55 19.97 5.13
C ASP A 115 8.57 19.07 4.40
N TRP A 116 7.36 18.92 4.95
CA TRP A 116 6.31 18.11 4.32
C TRP A 116 5.35 18.96 3.54
N HIS A 117 5.12 18.60 2.28
CA HIS A 117 4.12 19.26 1.46
C HIS A 117 2.96 18.30 1.26
N MET A 118 1.89 18.55 1.99
CA MET A 118 0.77 17.62 2.12
C MET A 118 -0.41 17.99 1.25
N ARG A 119 -1.22 16.99 0.93
CA ARG A 119 -2.49 17.18 0.24
C ARG A 119 -3.55 16.50 1.09
N ILE A 120 -4.57 17.25 1.45
CA ILE A 120 -5.64 16.76 2.33
C ILE A 120 -7.01 17.14 1.76
N SER A 121 -8.04 16.43 2.19
CA SER A 121 -9.40 16.75 1.78
C SER A 121 -10.36 16.46 2.94
N LYS A 122 -11.49 17.17 2.94
CA LYS A 122 -12.51 17.02 3.98
C LYS A 122 -13.21 15.68 3.81
N THR A 123 -13.34 14.95 4.91
CA THR A 123 -13.93 13.62 4.89
C THR A 123 -15.08 13.50 5.91
N PRO A 124 -16.17 12.80 5.53
CA PRO A 124 -16.43 12.18 4.22
C PRO A 124 -16.86 13.21 3.20
N ASN A 125 -16.85 12.85 1.91
CA ASN A 125 -17.38 13.75 0.91
C ASN A 125 -18.84 14.07 1.17
N ASN A 126 -19.15 15.36 1.20
CA ASN A 126 -20.52 15.85 1.29
C ASN A 126 -20.79 16.89 0.20
N THR A 127 -20.08 16.75 -0.92
CA THR A 127 -20.15 17.71 -2.02
C THR A 127 -20.58 17.07 -3.34
N SER A 128 -21.17 17.89 -4.20
CA SER A 128 -21.61 17.43 -5.52
C SER A 128 -20.86 18.12 -6.66
N SER A 129 -19.95 19.03 -6.30
CA SER A 129 -19.15 19.77 -7.27
C SER A 129 -17.81 20.19 -6.68
N GLY A 130 -16.85 20.44 -7.56
CA GLY A 130 -15.61 21.09 -7.16
C GLY A 130 -14.46 20.19 -6.73
N ASP A 131 -13.28 20.79 -6.69
CA ASP A 131 -12.04 20.14 -6.31
C ASP A 131 -11.91 20.18 -4.78
N PRO A 132 -11.86 19.01 -4.12
CA PRO A 132 -11.80 18.97 -2.65
C PRO A 132 -10.37 19.06 -2.08
N MET A 133 -9.37 19.08 -2.94
CA MET A 133 -7.99 18.95 -2.47
C MET A 133 -7.43 20.28 -1.94
N ARG A 134 -6.73 20.19 -0.81
CA ARG A 134 -6.12 21.37 -0.19
C ARG A 134 -4.64 21.11 0.05
N SER A 135 -3.80 22.10 -0.23
CA SER A 135 -2.36 22.00 0.00
C SER A 135 -2.00 22.68 1.31
N VAL A 136 -1.23 21.98 2.15
CA VAL A 136 -0.69 22.53 3.39
C VAL A 136 0.77 22.09 3.53
N SER A 137 1.58 22.88 4.24
CA SER A 137 2.96 22.49 4.49
C SER A 137 3.23 22.41 5.99
N VAL A 138 4.15 21.51 6.35
CA VAL A 138 4.44 21.20 7.76
C VAL A 138 5.95 21.15 7.94
N GLN A 139 6.43 21.89 8.94
CA GLN A 139 7.82 21.78 9.39
C GLN A 139 7.86 20.84 10.58
N THR A 140 8.92 20.04 10.66
CA THR A 140 9.01 18.95 11.64
C THR A 140 9.90 19.24 12.85
N ASN A 141 10.59 20.38 12.83
CA ASN A 141 11.50 20.76 13.91
C ASN A 141 11.07 22.07 14.61
N VAL A 142 9.78 22.39 14.51
CA VAL A 142 9.21 23.59 15.13
C VAL A 142 8.39 23.22 16.36
N GLN A 143 8.13 24.20 17.22
CA GLN A 143 7.40 23.98 18.48
C GLN A 143 5.98 23.43 18.30
N GLY A 144 5.37 23.72 17.15
CA GLY A 144 4.01 23.28 16.84
C GLY A 144 3.92 21.83 16.35
N PHE A 145 5.05 21.23 16.04
CA PHE A 145 5.07 19.81 15.63
C PHE A 145 5.15 18.94 16.87
N VAL A 146 3.98 18.59 17.41
CA VAL A 146 3.91 17.78 18.63
C VAL A 146 2.91 16.62 18.48
N PRO A 147 3.19 15.69 17.53
CA PRO A 147 2.23 14.59 17.30
C PRO A 147 1.97 13.74 18.54
N HIS A 148 2.99 13.55 19.38
CA HIS A 148 2.84 12.81 20.62
C HIS A 148 1.83 13.47 21.57
N LEU A 149 1.77 14.80 21.51
CA LEU A 149 0.80 15.57 22.29
C LEU A 149 -0.56 15.69 21.59
N GLY A 150 -0.62 15.23 20.34
CA GLY A 150 -1.88 15.11 19.62
C GLY A 150 -2.13 16.12 18.51
N SER A 151 -1.11 16.88 18.13
CA SER A 151 -1.30 17.91 17.11
C SER A 151 -0.04 18.26 16.33
N ILE A 152 -0.24 18.70 15.09
CA ILE A 152 0.83 19.31 14.29
C ILE A 152 0.34 20.66 13.78
N GLN A 153 1.28 21.52 13.36
CA GLN A 153 0.95 22.87 12.95
C GLN A 153 1.28 23.12 11.48
N PHE A 154 0.30 23.63 10.74
CA PHE A 154 0.50 24.03 9.35
C PHE A 154 1.27 25.36 9.31
N ASP A 155 1.92 25.64 8.18
CA ASP A 155 2.69 26.88 8.01
C ASP A 155 1.80 28.11 7.83
N GLU A 156 0.67 27.92 7.13
CA GLU A 156 -0.24 29.03 6.85
C GLU A 156 -1.59 28.80 7.50
N VAL A 157 -2.29 29.89 7.78
CA VAL A 157 -3.66 29.86 8.30
C VAL A 157 -4.55 29.05 7.35
N PHE A 158 -5.34 28.15 7.92
CA PHE A 158 -6.20 27.26 7.13
C PHE A 158 -7.56 27.89 6.89
N ASN A 159 -7.70 28.55 5.75
CA ASN A 159 -8.95 29.23 5.38
C ASN A 159 -9.89 28.35 4.55
N HIS A 160 -10.29 27.24 5.15
CA HIS A 160 -11.25 26.31 4.55
C HIS A 160 -12.13 25.79 5.68
N PRO A 161 -13.31 25.21 5.35
CA PRO A 161 -14.27 24.84 6.38
C PRO A 161 -13.71 23.95 7.50
N THR A 162 -14.13 24.24 8.72
CA THR A 162 -13.84 23.41 9.89
C THR A 162 -14.29 21.98 9.62
N GLY A 163 -13.50 21.01 10.08
CA GLY A 163 -13.93 19.62 9.99
C GLY A 163 -12.81 18.61 10.00
N ASP A 164 -13.15 17.40 9.56
CA ASP A 164 -12.28 16.23 9.57
C ASP A 164 -11.56 16.11 8.22
N TYR A 165 -10.22 16.12 8.26
CA TYR A 165 -9.42 16.09 7.03
C TYR A 165 -8.49 14.90 7.01
N ILE A 166 -8.37 14.28 5.84
CA ILE A 166 -7.48 13.15 5.64
C ILE A 166 -6.57 13.39 4.43
N GLY A 167 -5.32 12.94 4.53
CA GLY A 167 -4.44 12.99 3.38
C GLY A 167 -3.07 12.40 3.68
N THR A 168 -2.07 12.93 3.00
CA THR A 168 -0.74 12.38 3.10
C THR A 168 0.30 13.43 2.71
N ILE A 169 1.57 13.09 2.86
CA ILE A 169 2.64 13.89 2.30
C ILE A 169 2.74 13.56 0.80
N GLU A 170 2.67 14.58 -0.03
CA GLU A 170 2.79 14.39 -1.49
C GLU A 170 4.24 14.49 -1.96
N TRP A 171 4.95 15.49 -1.45
CA TRP A 171 6.36 15.67 -1.77
C TRP A 171 7.08 16.32 -0.60
N ILE A 172 8.40 16.16 -0.56
CA ILE A 172 9.21 16.73 0.52
C ILE A 172 10.26 17.68 -0.05
N SER A 173 10.73 18.60 0.79
CA SER A 173 11.81 19.51 0.40
C SER A 173 12.77 19.70 1.56
N GLN A 174 13.89 20.37 1.30
CA GLN A 174 14.87 20.68 2.33
C GLN A 174 14.20 21.38 3.50
N PRO A 175 14.62 21.07 4.74
CA PRO A 175 13.98 21.73 5.87
C PRO A 175 14.21 23.24 5.84
N SER A 176 13.20 24.00 6.26
CA SER A 176 13.26 25.47 6.27
C SER A 176 14.38 25.96 7.18
N THR A 177 14.48 25.36 8.36
CA THR A 177 15.55 25.67 9.30
C THR A 177 16.27 24.39 9.77
N PRO A 178 17.61 24.45 9.94
CA PRO A 178 18.50 25.57 9.61
C PRO A 178 18.62 25.75 8.10
N PRO A 179 18.66 27.01 7.62
CA PRO A 179 18.64 27.29 6.18
C PRO A 179 19.86 26.71 5.47
N GLY A 180 19.60 25.99 4.38
CA GLY A 180 20.68 25.42 3.58
C GLY A 180 20.95 23.95 3.84
N THR A 181 20.49 23.45 4.98
CA THR A 181 20.66 22.04 5.32
C THR A 181 19.83 21.14 4.40
N ASP A 182 20.29 19.92 4.21
CA ASP A 182 19.70 18.99 3.25
C ASP A 182 18.67 18.10 3.93
N ILE A 183 17.86 17.45 3.09
CA ILE A 183 16.97 16.39 3.56
C ILE A 183 17.83 15.23 4.09
N ASN A 184 17.43 14.68 5.23
CA ASN A 184 18.09 13.49 5.77
C ASN A 184 17.06 12.48 6.25
N LEU A 185 16.70 11.56 5.36
CA LEU A 185 15.65 10.58 5.65
C LEU A 185 16.13 9.42 6.52
N TRP A 186 17.40 9.47 6.91
CA TRP A 186 17.94 8.53 7.91
C TRP A 186 17.43 8.89 9.30
N GLU A 187 16.90 10.11 9.44
CA GLU A 187 16.40 10.61 10.70
C GLU A 187 14.87 10.64 10.78
N ILE A 188 14.37 10.63 12.01
CA ILE A 188 12.94 10.76 12.29
C ILE A 188 12.68 12.15 12.87
N PRO A 189 11.42 12.63 12.81
CA PRO A 189 11.15 13.94 13.40
C PRO A 189 11.16 13.88 14.93
N ASP A 190 11.12 15.05 15.58
CA ASP A 190 10.95 15.09 17.03
C ASP A 190 9.47 15.06 17.35
N TYR A 191 9.00 13.91 17.82
CA TYR A 191 7.58 13.68 18.09
C TYR A 191 7.07 14.40 19.33
N GLY A 192 7.97 14.60 20.30
CA GLY A 192 7.60 15.21 21.57
C GLY A 192 7.74 16.71 21.55
N SER A 193 7.95 17.28 22.73
CA SER A 193 8.15 18.72 22.89
C SER A 193 9.33 19.00 23.81
N SER A 194 9.48 20.25 24.24
CA SER A 194 10.54 20.64 25.16
C SER A 194 10.27 20.16 26.60
N LEU A 195 8.99 20.19 27.00
CA LEU A 195 8.59 19.79 28.34
C LEU A 195 8.03 18.36 28.40
N SER A 196 8.07 17.65 27.27
CA SER A 196 7.54 16.29 27.16
C SER A 196 8.17 15.50 26.03
N GLN A 197 8.89 14.43 26.39
CA GLN A 197 9.47 13.52 25.40
C GLN A 197 8.42 12.50 24.95
N ALA A 198 8.58 11.99 23.74
CA ALA A 198 7.64 11.03 23.17
C ALA A 198 7.76 9.66 23.84
N ALA A 199 6.63 9.13 24.32
CA ALA A 199 6.59 7.83 24.96
C ALA A 199 6.39 6.72 23.94
N ASN A 200 6.99 5.57 24.23
CA ASN A 200 6.84 4.34 23.45
C ASN A 200 7.34 4.44 22.00
N LEU A 201 8.38 5.25 21.79
CA LEU A 201 9.09 5.23 20.51
C LEU A 201 9.68 3.85 20.31
N ALA A 202 9.61 3.35 19.07
CA ALA A 202 10.37 2.16 18.73
C ALA A 202 11.84 2.47 19.00
N PRO A 203 12.58 1.50 19.59
CA PRO A 203 13.95 1.73 20.02
C PRO A 203 14.93 1.87 18.84
N PRO A 204 16.12 2.47 19.10
CA PRO A 204 17.14 2.59 18.08
C PRO A 204 17.67 1.24 17.61
N VAL A 205 18.14 1.19 16.37
CA VAL A 205 18.82 0.01 15.84
C VAL A 205 20.26 0.40 15.53
N PHE A 206 21.20 -0.24 16.24
CA PHE A 206 22.62 0.05 16.11
C PHE A 206 23.28 -0.87 15.10
N PRO A 207 24.31 -0.36 14.39
CA PRO A 207 25.13 -1.24 13.56
C PRO A 207 25.64 -2.43 14.40
N PRO A 208 25.56 -3.65 13.84
CA PRO A 208 25.94 -4.87 14.57
C PRO A 208 27.44 -5.00 14.83
N GLY A 209 28.26 -4.43 13.95
CA GLY A 209 29.71 -4.57 14.03
C GLY A 209 30.20 -5.97 13.70
N PHE A 210 31.47 -6.23 14.01
CA PHE A 210 32.08 -7.55 13.80
C PHE A 210 31.91 -8.08 12.38
N GLY A 211 32.06 -7.19 11.41
CA GLY A 211 31.98 -7.56 10.00
C GLY A 211 30.60 -7.39 9.38
N GLU A 212 29.56 -7.37 10.23
CA GLU A 212 28.20 -7.24 9.74
C GLU A 212 27.78 -5.78 9.55
N ALA A 213 26.79 -5.55 8.69
CA ALA A 213 26.24 -4.21 8.47
C ALA A 213 24.75 -4.32 8.19
N LEU A 214 24.00 -3.32 8.62
CA LEU A 214 22.55 -3.28 8.42
C LEU A 214 22.20 -3.09 6.95
N VAL A 215 21.16 -3.79 6.52
CA VAL A 215 20.63 -3.71 5.15
C VAL A 215 19.38 -2.82 5.14
N TYR A 216 19.35 -1.87 4.21
CA TYR A 216 18.19 -0.99 4.05
C TYR A 216 17.54 -1.16 2.68
N PHE A 217 16.22 -1.15 2.67
CA PHE A 217 15.45 -1.20 1.42
C PHE A 217 15.02 0.21 1.08
N VAL A 218 15.29 0.64 -0.15
CA VAL A 218 15.02 2.03 -0.52
C VAL A 218 14.00 2.17 -1.64
N SER A 219 13.22 3.24 -1.56
CA SER A 219 12.29 3.66 -2.61
C SER A 219 12.36 5.19 -2.73
N ALA A 220 12.30 5.69 -3.96
CA ALA A 220 12.36 7.13 -4.21
C ALA A 220 11.04 7.83 -3.87
N PHE A 221 11.15 8.99 -3.22
CA PHE A 221 10.00 9.80 -2.83
C PHE A 221 10.10 11.17 -3.50
N PRO A 222 8.97 11.71 -4.03
CA PRO A 222 9.07 12.96 -4.78
C PRO A 222 9.62 14.16 -4.00
N GLY A 223 10.42 14.96 -4.67
CA GLY A 223 10.89 16.22 -4.12
C GLY A 223 12.35 16.48 -4.44
N PRO A 224 12.78 17.75 -4.32
CA PRO A 224 14.17 18.09 -4.58
C PRO A 224 15.05 17.78 -3.35
N ASN A 225 16.37 17.91 -3.53
CA ASN A 225 17.31 17.92 -2.40
C ASN A 225 18.61 18.61 -2.84
N ASN A 226 19.51 18.87 -1.89
CA ASN A 226 20.74 19.59 -2.24
C ASN A 226 21.66 18.88 -3.23
N ARG A 227 21.48 17.58 -3.39
CA ARG A 227 22.34 16.77 -4.25
C ARG A 227 21.77 16.57 -5.67
N SER A 228 20.60 17.15 -5.93
CA SER A 228 19.89 16.94 -7.20
C SER A 228 19.77 15.45 -7.57
N ALA A 229 19.39 14.65 -6.57
CA ALA A 229 19.27 13.21 -6.74
C ALA A 229 17.93 12.76 -6.14
N PRO A 230 17.52 11.50 -6.41
CA PRO A 230 16.26 11.05 -5.79
C PRO A 230 16.31 11.06 -4.26
N ASN A 231 15.18 11.39 -3.63
CA ASN A 231 15.03 11.23 -2.19
C ASN A 231 14.75 9.76 -1.87
N ASP A 232 15.81 8.99 -1.62
CA ASP A 232 15.64 7.57 -1.32
C ASP A 232 15.29 7.36 0.14
N VAL A 233 14.18 6.67 0.39
CA VAL A 233 13.67 6.42 1.73
C VAL A 233 14.10 5.03 2.17
N PRO A 234 15.01 4.94 3.18
CA PRO A 234 15.44 3.63 3.67
C PRO A 234 14.49 3.05 4.71
N CYS A 235 14.25 1.74 4.64
CA CYS A 235 13.47 1.04 5.67
C CYS A 235 14.13 -0.29 6.00
N LEU A 236 13.73 -0.87 7.13
CA LEU A 236 14.38 -2.09 7.64
C LEU A 236 13.78 -3.39 7.10
N LEU A 237 12.49 -3.36 6.76
CA LEU A 237 11.76 -4.56 6.37
C LEU A 237 10.76 -4.22 5.27
N PRO A 238 10.57 -5.12 4.30
CA PRO A 238 9.46 -4.92 3.37
C PRO A 238 8.15 -4.98 4.14
N GLN A 239 7.15 -4.18 3.76
CA GLN A 239 5.86 -4.22 4.46
C GLN A 239 5.23 -5.62 4.46
N GLU A 240 5.43 -6.38 3.38
CA GLU A 240 4.86 -7.72 3.29
C GLU A 240 5.41 -8.66 4.36
N TYR A 241 6.67 -8.44 4.76
CA TYR A 241 7.26 -9.19 5.87
C TYR A 241 6.50 -8.92 7.15
N ILE A 242 6.24 -7.63 7.40
CA ILE A 242 5.51 -7.19 8.59
C ILE A 242 4.12 -7.81 8.65
N THR A 243 3.38 -7.74 7.54
CA THR A 243 2.04 -8.30 7.48
C THR A 243 2.09 -9.81 7.74
N HIS A 244 3.06 -10.47 7.11
CA HIS A 244 3.24 -11.90 7.27
C HIS A 244 3.48 -12.28 8.74
N PHE A 245 4.39 -11.57 9.40
CA PHE A 245 4.72 -11.86 10.81
C PHE A 245 3.53 -11.62 11.73
N VAL A 246 2.78 -10.54 11.46
CA VAL A 246 1.60 -10.23 12.27
C VAL A 246 0.55 -11.35 12.12
N SER A 247 0.37 -11.84 10.90
CA SER A 247 -0.58 -12.91 10.64
C SER A 247 -0.12 -14.25 11.22
N GLU A 248 1.14 -14.60 10.97
CA GLU A 248 1.67 -15.91 11.36
C GLU A 248 1.95 -16.05 12.85
N GLN A 249 2.53 -15.01 13.46
CA GLN A 249 2.94 -15.05 14.88
C GLN A 249 3.72 -16.33 15.22
N ALA A 250 4.65 -16.68 14.34
CA ALA A 250 5.49 -17.86 14.53
C ALA A 250 6.48 -17.58 15.66
N PRO A 251 6.63 -18.53 16.61
CA PRO A 251 7.61 -18.35 17.67
C PRO A 251 9.04 -18.27 17.14
N THR A 252 9.83 -17.36 17.71
CA THR A 252 11.23 -17.21 17.37
C THR A 252 12.02 -18.32 18.07
N MET A 253 12.74 -19.12 17.29
CA MET A 253 13.35 -20.37 17.79
C MET A 253 14.87 -20.31 17.86
N GLY A 254 15.44 -19.18 17.47
CA GLY A 254 16.89 -18.98 17.51
C GLY A 254 17.25 -17.51 17.60
N ASP A 255 18.54 -17.23 17.72
CA ASP A 255 19.06 -15.87 17.81
C ASP A 255 18.81 -15.08 16.53
N ALA A 256 18.83 -15.77 15.39
CA ALA A 256 18.66 -15.13 14.09
C ALA A 256 18.20 -16.13 13.03
N ALA A 257 17.50 -15.64 12.03
CA ALA A 257 17.06 -16.45 10.91
C ALA A 257 18.02 -16.25 9.75
N LEU A 258 18.71 -17.33 9.36
CA LEU A 258 19.60 -17.29 8.20
C LEU A 258 18.76 -17.31 6.93
N LEU A 259 18.94 -16.30 6.10
CA LEU A 259 18.27 -16.21 4.80
C LEU A 259 19.28 -16.31 3.68
N HIS A 260 18.87 -16.94 2.58
CA HIS A 260 19.62 -16.89 1.34
C HIS A 260 18.83 -16.07 0.35
N TYR A 261 19.49 -15.11 -0.30
CA TYR A 261 18.88 -14.30 -1.34
C TYR A 261 19.12 -15.04 -2.66
N VAL A 262 18.09 -15.74 -3.13
CA VAL A 262 18.24 -16.71 -4.21
C VAL A 262 17.74 -16.17 -5.55
N ASP A 263 18.53 -16.43 -6.60
CA ASP A 263 18.18 -16.07 -7.97
C ASP A 263 17.08 -17.03 -8.45
N PRO A 264 15.89 -16.49 -8.81
CA PRO A 264 14.79 -17.36 -9.20
C PRO A 264 15.01 -18.06 -10.54
N ASP A 265 15.95 -17.56 -11.34
CA ASP A 265 16.24 -18.19 -12.63
C ASP A 265 17.17 -19.39 -12.51
N THR A 266 18.18 -19.27 -11.67
CA THR A 266 19.21 -20.30 -11.56
C THR A 266 19.14 -21.11 -10.26
N ASN A 267 18.34 -20.63 -9.30
CA ASN A 267 18.26 -21.24 -7.97
C ASN A 267 19.57 -21.16 -7.17
N ARG A 268 20.48 -20.30 -7.62
CA ARG A 268 21.75 -20.13 -6.94
C ARG A 268 21.64 -19.06 -5.88
N ASN A 269 22.36 -19.27 -4.77
CA ASN A 269 22.42 -18.29 -3.70
C ASN A 269 23.28 -17.10 -4.11
N LEU A 270 22.69 -15.91 -4.06
CA LEU A 270 23.39 -14.67 -4.40
C LEU A 270 23.98 -13.96 -3.17
N GLY A 271 23.52 -14.35 -1.98
CA GLY A 271 24.02 -13.73 -0.76
C GLY A 271 23.37 -14.25 0.51
N GLU A 272 24.18 -14.33 1.56
CA GLU A 272 23.72 -14.75 2.88
C GLU A 272 23.41 -13.54 3.75
N PHE A 273 22.26 -13.60 4.43
CA PHE A 273 21.82 -12.51 5.29
C PHE A 273 21.33 -13.10 6.60
N LYS A 274 21.40 -12.31 7.68
CA LYS A 274 20.78 -12.72 8.93
C LYS A 274 19.64 -11.79 9.27
N LEU A 275 18.45 -12.37 9.47
CA LEU A 275 17.29 -11.62 9.93
C LEU A 275 17.20 -11.78 11.44
N TYR A 276 17.43 -10.68 12.15
CA TYR A 276 17.41 -10.70 13.61
C TYR A 276 15.98 -10.53 14.15
N PRO A 277 15.70 -11.08 15.35
CA PRO A 277 14.35 -11.05 15.89
C PRO A 277 13.78 -9.64 16.07
N GLY A 278 14.65 -8.65 16.20
CA GLY A 278 14.25 -7.25 16.33
C GLY A 278 13.71 -6.64 15.05
N GLY A 279 13.79 -7.39 13.96
CA GLY A 279 13.13 -7.03 12.71
C GLY A 279 14.02 -6.23 11.76
N TYR A 280 15.24 -6.69 11.58
CA TYR A 280 16.17 -6.06 10.64
C TYR A 280 17.12 -7.11 10.10
N LEU A 281 17.71 -6.82 8.94
CA LEU A 281 18.60 -7.73 8.25
C LEU A 281 20.02 -7.21 8.26
N THR A 282 20.98 -8.13 8.34
CA THR A 282 22.39 -7.78 8.15
C THR A 282 23.06 -8.64 7.08
N CYS A 283 24.19 -8.16 6.58
CA CYS A 283 25.04 -8.93 5.69
C CYS A 283 26.48 -8.63 6.05
N VAL A 284 27.42 -9.34 5.43
CA VAL A 284 28.84 -9.03 5.55
C VAL A 284 29.34 -8.51 4.21
N PRO A 285 29.56 -7.18 4.11
CA PRO A 285 30.10 -6.59 2.87
C PRO A 285 31.48 -7.15 2.56
N ASN A 286 31.66 -7.61 1.33
CA ASN A 286 32.93 -8.22 0.90
C ASN A 286 34.00 -7.16 0.59
N GLY A 287 34.34 -6.36 1.61
CA GLY A 287 35.34 -5.31 1.47
C GLY A 287 34.71 -3.94 1.26
N VAL A 288 35.57 -2.91 1.22
CA VAL A 288 35.14 -1.53 1.01
C VAL A 288 34.48 -1.32 -0.36
N GLY A 289 33.29 -0.73 -0.35
CA GLY A 289 32.54 -0.51 -1.59
C GLY A 289 31.58 -1.65 -1.94
N ALA A 290 31.84 -2.84 -1.40
CA ALA A 290 30.98 -4.00 -1.64
C ALA A 290 29.70 -3.94 -0.83
N GLY A 291 28.67 -4.63 -1.30
CA GLY A 291 27.41 -4.68 -0.58
C GLY A 291 26.25 -5.21 -1.39
N PRO A 292 25.05 -5.24 -0.77
CA PRO A 292 23.88 -5.81 -1.41
C PRO A 292 23.34 -4.94 -2.55
N GLN A 293 23.86 -3.71 -2.69
CA GLN A 293 23.47 -2.85 -3.80
C GLN A 293 23.98 -3.40 -5.14
N GLN A 294 24.91 -4.35 -5.06
CA GLN A 294 25.49 -4.97 -6.26
C GLN A 294 24.67 -6.16 -6.76
N LEU A 295 23.67 -6.56 -5.99
CA LEU A 295 22.86 -7.72 -6.33
C LEU A 295 21.67 -7.32 -7.19
N PRO A 296 21.19 -8.25 -8.05
CA PRO A 296 19.97 -7.96 -8.79
C PRO A 296 18.78 -7.85 -7.84
N LEU A 297 17.73 -7.17 -8.27
CA LEU A 297 16.58 -6.91 -7.40
C LEU A 297 15.48 -7.97 -7.52
N ASN A 298 15.68 -8.97 -8.38
CA ASN A 298 14.67 -10.00 -8.58
C ASN A 298 14.87 -11.25 -7.75
N GLY A 299 15.79 -11.20 -6.79
CA GLY A 299 16.04 -12.33 -5.90
C GLY A 299 14.92 -12.53 -4.89
N VAL A 300 14.86 -13.74 -4.32
CA VAL A 300 13.89 -14.07 -3.29
C VAL A 300 14.66 -14.50 -2.04
N PHE A 301 14.35 -13.85 -0.92
CA PHE A 301 14.90 -14.29 0.36
C PHE A 301 14.20 -15.58 0.79
N LEU A 302 14.99 -16.60 1.09
CA LEU A 302 14.47 -17.87 1.56
C LEU A 302 15.02 -18.16 2.96
N PHE A 303 14.14 -18.58 3.85
CA PHE A 303 14.56 -19.01 5.19
C PHE A 303 15.28 -20.35 5.10
N VAL A 304 16.50 -20.39 5.60
CA VAL A 304 17.34 -21.61 5.55
C VAL A 304 17.32 -22.35 6.90
N SER A 305 17.61 -21.63 7.96
CA SER A 305 17.77 -22.21 9.29
C SER A 305 17.83 -21.14 10.37
N TRP A 306 17.40 -21.50 11.58
CA TRP A 306 17.72 -20.70 12.75
C TRP A 306 19.22 -20.86 13.05
N VAL A 307 19.87 -19.76 13.40
CA VAL A 307 21.31 -19.80 13.72
C VAL A 307 21.59 -18.94 14.94
N SER A 308 22.75 -19.15 15.57
CA SER A 308 23.15 -18.29 16.68
C SER A 308 23.60 -16.93 16.13
N ARG A 309 23.57 -15.92 16.99
CA ARG A 309 23.95 -14.56 16.61
C ARG A 309 25.43 -14.47 16.21
N PHE A 310 26.19 -15.49 16.59
CA PHE A 310 27.62 -15.56 16.31
C PHE A 310 27.95 -16.21 14.97
N TYR A 311 26.92 -16.76 14.31
CA TYR A 311 27.08 -17.40 13.00
C TYR A 311 27.65 -16.40 12.00
N GLN A 312 28.70 -16.82 11.28
CA GLN A 312 29.38 -15.94 10.34
C GLN A 312 28.85 -16.13 8.92
N LEU A 313 28.53 -15.02 8.28
CA LEU A 313 27.99 -15.03 6.92
C LEU A 313 29.09 -15.00 5.88
N LYS A 314 28.86 -15.71 4.78
CA LYS A 314 29.71 -15.56 3.59
C LYS A 314 29.58 -14.12 3.12
N PRO A 315 30.71 -13.45 2.84
CA PRO A 315 30.66 -12.06 2.41
C PRO A 315 29.91 -11.88 1.09
N VAL A 316 29.20 -10.76 0.96
CA VAL A 316 28.38 -10.49 -0.21
C VAL A 316 28.95 -9.37 -1.08
N GLY A 317 28.84 -9.54 -2.40
CA GLY A 317 29.28 -8.54 -3.35
C GLY A 317 30.77 -8.64 -3.66
N THR A 318 31.32 -7.57 -4.22
CA THR A 318 32.74 -7.50 -4.56
C THR A 318 33.23 -6.06 -4.38
N ALA A 319 34.41 -5.91 -3.79
CA ALA A 319 34.97 -4.59 -3.46
C ALA A 319 35.04 -3.63 -4.64
N ARG B 15 1.11 -28.08 0.31
CA ARG B 15 0.89 -27.00 1.33
C ARG B 15 -0.60 -26.75 1.56
N ALA B 16 -0.98 -26.73 2.84
CA ALA B 16 -2.38 -26.51 3.25
C ALA B 16 -2.85 -25.09 2.95
N PHE B 17 -4.15 -24.96 2.68
CA PHE B 17 -4.73 -23.66 2.36
C PHE B 17 -5.05 -22.85 3.61
N THR B 18 -4.63 -21.59 3.62
CA THR B 18 -4.95 -20.64 4.69
C THR B 18 -5.28 -19.27 4.10
N VAL B 19 -5.95 -18.44 4.90
CA VAL B 19 -6.13 -17.02 4.59
C VAL B 19 -5.53 -16.20 5.74
N PRO B 20 -5.12 -14.94 5.48
CA PRO B 20 -4.48 -14.11 6.50
C PRO B 20 -5.26 -14.00 7.81
N ASN B 21 -4.55 -14.13 8.92
CA ASN B 21 -5.13 -14.04 10.27
C ASN B 21 -5.03 -12.60 10.76
N ILE B 22 -5.78 -11.71 10.13
CA ILE B 22 -5.78 -10.28 10.46
C ILE B 22 -7.22 -9.77 10.32
N PRO B 23 -7.70 -8.99 11.31
CA PRO B 23 -9.08 -8.49 11.25
C PRO B 23 -9.39 -7.72 9.97
N LEU B 24 -10.61 -7.87 9.49
CA LEU B 24 -11.01 -7.30 8.20
C LEU B 24 -10.77 -5.80 8.11
N GLN B 25 -11.09 -5.07 9.17
CA GLN B 25 -10.93 -3.60 9.21
C GLN B 25 -9.47 -3.15 9.10
N THR B 26 -8.54 -4.09 9.22
CA THR B 26 -7.11 -3.79 9.16
C THR B 26 -6.55 -4.17 7.78
N LEU B 27 -7.36 -4.88 7.01
CA LEU B 27 -6.96 -5.27 5.64
C LEU B 27 -7.25 -4.15 4.63
N SER B 28 -6.71 -4.31 3.42
CA SER B 28 -6.69 -3.25 2.42
C SER B 28 -7.52 -3.56 1.18
N ASN B 29 -8.10 -2.51 0.61
CA ASN B 29 -8.79 -2.59 -0.67
C ASN B 29 -7.80 -3.02 -1.76
N SER B 30 -8.27 -3.78 -2.73
CA SER B 30 -7.40 -4.27 -3.82
C SER B 30 -7.56 -3.47 -5.11
N ARG B 31 -8.36 -2.41 -5.05
CA ARG B 31 -8.43 -1.49 -6.19
C ARG B 31 -7.65 -0.20 -5.97
N PHE B 32 -7.41 0.14 -4.70
CA PHE B 32 -6.48 1.22 -4.35
C PHE B 32 -6.06 1.03 -2.90
N PRO B 33 -4.85 1.48 -2.52
CA PRO B 33 -4.32 1.21 -1.18
C PRO B 33 -5.02 2.04 -0.08
N SER B 34 -5.98 1.40 0.58
CA SER B 34 -6.73 2.02 1.66
C SER B 34 -7.31 0.90 2.49
N LEU B 35 -7.60 1.18 3.76
CA LEU B 35 -8.25 0.21 4.61
C LEU B 35 -9.66 -0.11 4.12
N ILE B 36 -10.05 -1.37 4.28
CA ILE B 36 -11.42 -1.80 4.04
C ILE B 36 -12.32 -1.19 5.13
N GLN B 37 -13.44 -0.63 4.69
CA GLN B 37 -14.33 0.13 5.57
C GLN B 37 -15.74 -0.46 5.61
N GLY B 38 -15.97 -1.51 4.82
CA GLY B 38 -17.27 -2.15 4.78
C GLY B 38 -17.26 -3.44 3.99
N MET B 39 -18.28 -4.26 4.23
CA MET B 39 -18.46 -5.52 3.55
C MET B 39 -19.93 -5.57 3.13
N ILE B 40 -20.19 -5.60 1.82
CA ILE B 40 -21.56 -5.42 1.32
C ILE B 40 -21.96 -6.40 0.23
N LEU B 41 -23.26 -6.40 -0.09
CA LEU B 41 -23.76 -6.98 -1.32
C LEU B 41 -23.98 -5.85 -2.32
N SER B 42 -23.95 -6.17 -3.62
CA SER B 42 -24.23 -5.17 -4.64
C SER B 42 -25.67 -4.67 -4.53
N PRO B 43 -25.88 -3.33 -4.57
CA PRO B 43 -27.23 -2.76 -4.47
C PRO B 43 -28.20 -3.36 -5.48
N ASP B 44 -27.70 -3.67 -6.68
CA ASP B 44 -28.45 -4.43 -7.68
C ASP B 44 -28.05 -5.90 -7.56
N ALA B 45 -29.02 -6.76 -7.28
CA ALA B 45 -28.76 -8.19 -7.13
C ALA B 45 -28.24 -8.86 -8.40
N SER B 46 -28.52 -8.24 -9.56
CA SER B 46 -28.10 -8.78 -10.85
C SER B 46 -26.74 -8.22 -11.32
N GLN B 47 -26.09 -7.44 -10.45
CA GLN B 47 -24.83 -6.77 -10.81
C GLN B 47 -23.73 -7.74 -11.21
N VAL B 48 -23.24 -7.56 -12.44
CA VAL B 48 -22.06 -8.28 -12.93
C VAL B 48 -20.88 -7.33 -12.79
N VAL B 49 -19.76 -7.85 -12.33
CA VAL B 49 -18.54 -7.02 -12.24
C VAL B 49 -17.40 -7.58 -13.07
N GLN B 50 -16.49 -6.70 -13.46
CA GLN B 50 -15.32 -7.11 -14.24
C GLN B 50 -14.11 -6.28 -13.87
N PHE B 51 -13.92 -6.09 -12.56
CA PHE B 51 -12.74 -5.38 -12.05
C PHE B 51 -11.47 -6.01 -12.63
N GLN B 52 -10.47 -5.18 -12.92
CA GLN B 52 -9.20 -5.67 -13.46
C GLN B 52 -8.12 -5.76 -12.39
N ASN B 53 -8.29 -4.98 -11.32
CA ASN B 53 -7.47 -5.14 -10.12
C ASN B 53 -8.24 -5.91 -9.05
N GLY B 54 -7.51 -6.50 -8.12
CA GLY B 54 -8.10 -7.34 -7.09
C GLY B 54 -8.61 -8.66 -7.64
N ARG B 55 -7.93 -9.16 -8.67
CA ARG B 55 -8.33 -10.39 -9.34
C ARG B 55 -7.22 -11.42 -9.25
N CYS B 56 -7.47 -12.49 -8.52
CA CYS B 56 -6.46 -13.52 -8.32
C CYS B 56 -7.13 -14.86 -8.04
N LEU B 57 -6.73 -15.89 -8.78
CA LEU B 57 -7.17 -17.25 -8.48
C LEU B 57 -6.55 -17.65 -7.16
N ILE B 58 -7.28 -18.44 -6.37
CA ILE B 58 -6.84 -18.68 -4.99
C ILE B 58 -5.58 -19.57 -4.87
N ASP B 59 -5.10 -20.08 -6.00
CA ASP B 59 -3.78 -20.73 -6.10
C ASP B 59 -2.63 -19.76 -6.42
N GLY B 60 -2.93 -18.47 -6.47
CA GLY B 60 -1.90 -17.45 -6.67
C GLY B 60 -1.68 -16.99 -8.09
N GLN B 61 -2.64 -17.29 -8.97
CA GLN B 61 -2.59 -16.82 -10.35
C GLN B 61 -3.26 -15.46 -10.48
N LEU B 62 -2.45 -14.43 -10.71
CA LEU B 62 -2.96 -13.07 -10.91
C LEU B 62 -3.67 -12.93 -12.27
N LEU B 63 -4.75 -12.14 -12.27
CA LEU B 63 -5.53 -11.86 -13.49
C LEU B 63 -5.62 -10.37 -13.79
N GLY B 64 -5.93 -10.05 -15.05
CA GLY B 64 -6.15 -8.65 -15.44
C GLY B 64 -4.89 -7.82 -15.29
N THR B 65 -4.97 -6.78 -14.48
CA THR B 65 -3.85 -5.87 -14.21
C THR B 65 -3.37 -6.02 -12.75
N THR B 66 -3.87 -7.05 -12.06
CA THR B 66 -3.66 -7.17 -10.61
C THR B 66 -2.20 -7.34 -10.21
N PRO B 67 -1.71 -6.46 -9.33
CA PRO B 67 -0.37 -6.64 -8.78
C PRO B 67 -0.36 -7.61 -7.60
N ALA B 68 0.81 -8.21 -7.36
CA ALA B 68 0.98 -9.11 -6.24
C ALA B 68 0.88 -8.37 -4.90
N THR B 69 1.34 -7.12 -4.89
CA THR B 69 1.37 -6.32 -3.67
C THR B 69 0.81 -4.92 -3.90
N SER B 70 0.58 -4.19 -2.81
CA SER B 70 0.03 -2.83 -2.86
CA SER B 70 0.03 -2.83 -2.86
C SER B 70 1.01 -1.81 -3.39
N GLY B 71 2.30 -2.16 -3.38
CA GLY B 71 3.36 -1.22 -3.81
C GLY B 71 3.17 -0.71 -5.23
N GLN B 72 2.57 -1.57 -6.04
CA GLN B 72 2.41 -1.40 -7.49
C GLN B 72 0.99 -0.93 -7.83
N LEU B 73 0.09 -1.04 -6.86
CA LEU B 73 -1.33 -0.85 -7.10
C LEU B 73 -1.72 0.62 -7.25
N PHE B 74 -2.51 0.91 -8.28
CA PHE B 74 -3.14 2.22 -8.46
C PHE B 74 -2.14 3.32 -8.81
N ARG B 75 -1.09 2.96 -9.53
CA ARG B 75 -0.10 3.93 -9.99
C ARG B 75 -0.07 3.94 -11.51
N VAL B 76 0.35 5.08 -12.07
CA VAL B 76 0.49 5.25 -13.52
C VAL B 76 1.88 5.80 -13.79
N ARG B 77 2.53 5.26 -14.80
CA ARG B 77 3.85 5.74 -15.22
C ARG B 77 3.95 5.73 -16.75
N GLY B 78 4.61 6.75 -17.28
CA GLY B 78 4.84 6.81 -18.72
C GLY B 78 5.72 7.96 -19.13
N LYS B 79 5.95 8.05 -20.43
CA LYS B 79 6.70 9.15 -21.01
C LYS B 79 5.73 10.11 -21.65
N ILE B 80 5.99 11.41 -21.50
CA ILE B 80 5.21 12.42 -22.20
C ILE B 80 6.14 13.52 -22.69
N ASN B 81 5.89 13.98 -23.91
CA ASN B 81 6.62 15.09 -24.48
C ASN B 81 5.98 16.42 -24.15
N GLN B 82 6.81 17.39 -23.79
CA GLN B 82 6.40 18.78 -23.66
C GLN B 82 5.56 19.18 -24.87
N GLY B 83 4.38 19.73 -24.62
CA GLY B 83 3.48 20.15 -25.69
C GLY B 83 2.61 19.06 -26.31
N ALA B 84 2.66 17.85 -25.74
CA ALA B 84 1.77 16.77 -26.16
C ALA B 84 0.64 16.60 -25.14
N ARG B 85 -0.34 15.77 -25.49
CA ARG B 85 -1.43 15.44 -24.57
C ARG B 85 -1.39 13.96 -24.18
N THR B 86 -0.47 13.22 -24.78
CA THR B 86 -0.46 11.76 -24.69
C THR B 86 0.64 11.21 -23.78
N LEU B 87 0.23 10.44 -22.78
CA LEU B 87 1.15 9.71 -21.91
C LEU B 87 1.34 8.31 -22.47
N ASN B 88 2.59 7.99 -22.85
CA ASN B 88 2.91 6.67 -23.35
C ASN B 88 3.39 5.78 -22.22
N LEU B 89 2.53 4.84 -21.86
CA LEU B 89 2.65 4.08 -20.62
C LEU B 89 3.82 3.11 -20.59
N THR B 90 4.40 2.98 -19.40
CA THR B 90 5.34 1.91 -19.10
C THR B 90 4.79 1.17 -17.88
N GLU B 91 5.48 0.11 -17.47
CA GLU B 91 5.20 -0.50 -16.17
C GLU B 91 5.64 0.48 -15.08
N VAL B 92 5.12 0.30 -13.86
CA VAL B 92 5.39 1.20 -12.76
C VAL B 92 6.89 1.24 -12.42
N ASP B 93 7.60 0.15 -12.65
CA ASP B 93 9.04 0.11 -12.41
C ASP B 93 9.86 0.70 -13.57
N GLY B 94 9.19 1.15 -14.62
CA GLY B 94 9.85 1.77 -15.76
C GLY B 94 10.13 0.84 -16.93
N LYS B 95 9.89 -0.45 -16.75
CA LYS B 95 10.05 -1.45 -17.82
C LYS B 95 8.99 -1.21 -18.91
N PRO B 96 9.31 -1.58 -20.16
CA PRO B 96 8.38 -1.38 -21.28
C PRO B 96 7.05 -2.11 -21.07
N PHE B 97 5.96 -1.47 -21.49
CA PHE B 97 4.65 -2.11 -21.50
C PHE B 97 4.41 -2.77 -22.85
N MET B 98 4.14 -4.08 -22.82
CA MET B 98 3.86 -4.85 -24.04
C MET B 98 2.43 -4.62 -24.52
N ALA B 99 2.30 -3.89 -25.63
CA ALA B 99 1.00 -3.57 -26.22
C ALA B 99 0.30 -4.79 -26.80
N PHE B 100 -1.02 -4.72 -26.89
CA PHE B 100 -1.87 -5.82 -27.39
C PHE B 100 -1.89 -7.08 -26.50
N ASP B 101 -1.05 -7.09 -25.46
CA ASP B 101 -0.87 -8.27 -24.61
C ASP B 101 -1.78 -8.24 -23.38
N SER B 102 -1.83 -7.10 -22.71
CA SER B 102 -2.56 -6.94 -21.46
C SER B 102 -3.50 -5.75 -21.60
N PRO B 103 -4.53 -5.62 -20.71
CA PRO B 103 -5.42 -4.48 -20.86
C PRO B 103 -4.73 -3.16 -20.59
N ALA B 104 -3.69 -3.20 -19.73
CA ALA B 104 -2.96 -2.03 -19.27
C ALA B 104 -1.77 -2.51 -18.42
N PRO B 105 -0.85 -1.59 -18.05
CA PRO B 105 0.25 -1.98 -17.17
C PRO B 105 -0.24 -2.54 -15.84
N VAL B 106 0.57 -3.38 -15.20
CA VAL B 106 0.23 -3.92 -13.88
C VAL B 106 -0.04 -2.77 -12.92
N GLY B 107 -1.17 -2.85 -12.21
CA GLY B 107 -1.54 -1.86 -11.21
C GLY B 107 -2.26 -0.63 -11.72
N PHE B 108 -2.38 -0.51 -13.06
CA PHE B 108 -3.09 0.62 -13.66
C PHE B 108 -4.52 0.72 -13.09
N PRO B 109 -4.98 1.95 -12.76
CA PRO B 109 -6.31 2.09 -12.15
C PRO B 109 -7.43 1.52 -13.02
N ASP B 110 -8.44 0.93 -12.37
CA ASP B 110 -9.59 0.36 -13.07
C ASP B 110 -10.92 1.05 -12.72
N PHE B 111 -10.83 2.34 -12.36
CA PHE B 111 -12.01 3.15 -12.01
C PHE B 111 -12.72 3.61 -13.28
N GLY B 112 -13.84 2.96 -13.59
CA GLY B 112 -14.66 3.35 -14.72
C GLY B 112 -15.69 4.40 -14.38
N LYS B 113 -16.36 4.91 -15.42
CA LYS B 113 -17.45 5.89 -15.28
C LYS B 113 -17.15 7.05 -14.33
N CYS B 114 -16.01 7.70 -14.57
CA CYS B 114 -15.61 8.90 -13.86
C CYS B 114 -14.48 9.59 -14.62
N ASP B 115 -14.25 10.87 -14.28
CA ASP B 115 -13.06 11.58 -14.73
C ASP B 115 -11.99 11.43 -13.65
N TRP B 116 -10.73 11.31 -14.07
CA TRP B 116 -9.60 11.14 -13.17
C TRP B 116 -8.86 12.45 -13.03
N HIS B 117 -8.66 12.89 -11.80
CA HIS B 117 -7.82 14.05 -11.55
C HIS B 117 -6.52 13.57 -10.93
N MET B 118 -5.48 13.55 -11.77
CA MET B 118 -4.21 12.92 -11.42
C MET B 118 -3.16 13.91 -10.96
N ARG B 119 -2.24 13.42 -10.16
CA ARG B 119 -1.04 14.17 -9.76
C ARG B 119 0.16 13.33 -10.12
N ILE B 120 1.08 13.93 -10.89
CA ILE B 120 2.24 13.20 -11.38
C ILE B 120 3.49 14.07 -11.22
N SER B 121 4.66 13.43 -11.26
CA SER B 121 5.91 14.16 -11.19
C SER B 121 6.98 13.47 -12.02
N LYS B 122 7.92 14.27 -12.53
CA LYS B 122 9.04 13.77 -13.31
C LYS B 122 10.00 12.99 -12.42
N THR B 123 10.42 11.81 -12.89
CA THR B 123 11.27 10.92 -12.11
C THR B 123 12.47 10.41 -12.94
N PRO B 124 13.65 10.25 -12.31
CA PRO B 124 13.97 10.58 -10.91
C PRO B 124 14.16 12.07 -10.72
N ASN B 125 14.10 12.55 -9.47
CA ASN B 125 14.47 13.92 -9.20
C ASN B 125 15.90 14.18 -9.64
N ASN B 126 16.10 15.30 -10.32
CA ASN B 126 17.42 15.75 -10.72
C ASN B 126 17.63 17.24 -10.43
N THR B 127 16.83 17.77 -9.50
CA THR B 127 16.86 19.19 -9.17
C THR B 127 17.03 19.47 -7.67
N SER B 128 17.41 20.70 -7.34
CA SER B 128 17.64 21.13 -5.96
C SER B 128 16.59 22.10 -5.42
N SER B 129 15.61 22.46 -6.25
CA SER B 129 14.52 23.33 -5.79
C SER B 129 13.24 23.10 -6.61
N GLY B 130 12.11 23.54 -6.05
CA GLY B 130 10.84 23.57 -6.78
C GLY B 130 9.87 22.45 -6.47
N ASP B 131 8.59 22.78 -6.61
CA ASP B 131 7.49 21.85 -6.49
C ASP B 131 7.43 21.01 -7.78
N PRO B 132 7.59 19.67 -7.67
CA PRO B 132 7.62 18.83 -8.86
C PRO B 132 6.25 18.32 -9.32
N MET B 133 5.20 18.64 -8.56
CA MET B 133 3.88 18.05 -8.80
C MET B 133 3.08 18.74 -9.89
N ARG B 134 2.48 17.92 -10.76
CA ARG B 134 1.69 18.40 -11.89
C ARG B 134 0.29 17.81 -11.86
N SER B 135 -0.71 18.65 -12.11
CA SER B 135 -2.10 18.22 -12.20
C SER B 135 -2.45 17.97 -13.66
N VAL B 136 -2.99 16.78 -13.93
CA VAL B 136 -3.54 16.44 -15.25
C VAL B 136 -4.88 15.75 -15.04
N SER B 137 -5.75 15.82 -16.03
CA SER B 137 -7.04 15.14 -15.95
C SER B 137 -7.25 14.20 -17.14
N VAL B 138 -7.96 13.11 -16.88
CA VAL B 138 -8.13 12.03 -17.85
C VAL B 138 -9.59 11.61 -17.91
N GLN B 139 -10.15 11.61 -19.12
CA GLN B 139 -11.45 10.99 -19.36
C GLN B 139 -11.26 9.57 -19.84
N THR B 140 -12.16 8.68 -19.42
CA THR B 140 -11.96 7.24 -19.59
C THR B 140 -12.85 6.59 -20.66
N ASN B 141 -13.68 7.41 -21.31
CA ASN B 141 -14.57 6.92 -22.35
C ASN B 141 -14.38 7.65 -23.68
N VAL B 142 -13.21 8.28 -23.84
CA VAL B 142 -12.88 9.03 -25.05
C VAL B 142 -11.97 8.22 -25.95
N GLN B 143 -11.88 8.61 -27.23
CA GLN B 143 -11.08 7.85 -28.19
C GLN B 143 -9.60 7.79 -27.80
N GLY B 144 -9.12 8.80 -27.09
CA GLY B 144 -7.73 8.85 -26.62
C GLY B 144 -7.38 7.97 -25.42
N PHE B 145 -8.40 7.37 -24.81
CA PHE B 145 -8.16 6.48 -23.68
C PHE B 145 -7.95 5.05 -24.18
N VAL B 146 -6.70 4.71 -24.45
CA VAL B 146 -6.38 3.41 -25.06
C VAL B 146 -5.20 2.71 -24.35
N PRO B 147 -5.33 2.43 -23.04
CA PRO B 147 -4.20 1.83 -22.31
C PRO B 147 -3.75 0.49 -22.89
N HIS B 148 -4.68 -0.25 -23.51
CA HIS B 148 -4.35 -1.52 -24.15
C HIS B 148 -3.38 -1.33 -25.32
N LEU B 149 -3.39 -0.15 -25.92
CA LEU B 149 -2.46 0.20 -26.98
C LEU B 149 -1.23 0.94 -26.45
N GLY B 150 -1.21 1.19 -25.14
CA GLY B 150 -0.05 1.78 -24.47
C GLY B 150 -0.11 3.27 -24.21
N SER B 151 -1.28 3.88 -24.36
CA SER B 151 -1.38 5.32 -24.12
C SER B 151 -2.71 5.80 -23.56
N ILE B 152 -2.64 6.90 -22.81
CA ILE B 152 -3.82 7.65 -22.40
C ILE B 152 -3.63 9.12 -22.72
N GLN B 153 -4.74 9.82 -22.94
CA GLN B 153 -4.70 11.22 -23.35
C GLN B 153 -5.18 12.13 -22.23
N PHE B 154 -4.37 13.15 -21.90
CA PHE B 154 -4.76 14.16 -20.92
C PHE B 154 -5.71 15.16 -21.58
N ASP B 155 -6.51 15.83 -20.76
CA ASP B 155 -7.50 16.80 -21.28
C ASP B 155 -6.85 18.04 -21.88
N GLU B 156 -5.73 18.46 -21.30
CA GLU B 156 -5.03 19.65 -21.78
C GLU B 156 -3.64 19.31 -22.31
N VAL B 157 -3.13 20.18 -23.17
CA VAL B 157 -1.74 20.12 -23.61
C VAL B 157 -0.83 20.19 -22.38
N PHE B 158 0.14 19.28 -22.34
CA PHE B 158 1.08 19.17 -21.22
C PHE B 158 2.23 20.16 -21.40
N ASN B 159 2.04 21.37 -20.89
CA ASN B 159 3.06 22.43 -20.98
C ASN B 159 4.04 22.35 -19.81
N HIS B 160 4.71 21.21 -19.70
CA HIS B 160 5.71 20.96 -18.66
C HIS B 160 6.82 20.13 -19.30
N PRO B 161 8.03 20.13 -18.70
CA PRO B 161 9.18 19.47 -19.33
C PRO B 161 8.98 18.00 -19.72
N THR B 162 9.54 17.62 -20.87
CA THR B 162 9.54 16.25 -21.36
C THR B 162 10.20 15.29 -20.38
N GLY B 163 9.61 14.10 -20.22
CA GLY B 163 10.28 13.06 -19.46
C GLY B 163 9.40 11.92 -18.98
N ASP B 164 9.93 11.21 -18.00
CA ASP B 164 9.34 10.02 -17.40
C ASP B 164 8.54 10.48 -16.18
N TYR B 165 7.23 10.31 -16.22
CA TYR B 165 6.36 10.77 -15.13
C TYR B 165 5.68 9.61 -14.42
N ILE B 166 5.51 9.78 -13.11
CA ILE B 166 4.84 8.78 -12.28
C ILE B 166 3.87 9.47 -11.34
N GLY B 167 2.76 8.79 -11.05
CA GLY B 167 1.79 9.34 -10.13
C GLY B 167 0.56 8.47 -10.03
N THR B 168 -0.56 9.09 -9.68
CA THR B 168 -1.77 8.36 -9.34
C THR B 168 -2.99 9.26 -9.51
N ILE B 169 -4.18 8.68 -9.36
CA ILE B 169 -5.41 9.47 -9.32
C ILE B 169 -5.56 10.03 -7.90
N GLU B 170 -5.68 11.34 -7.79
CA GLU B 170 -5.82 11.97 -6.47
C GLU B 170 -7.30 12.06 -6.05
N TRP B 171 -8.16 12.42 -7.00
CA TRP B 171 -9.59 12.47 -6.76
C TRP B 171 -10.32 12.24 -8.07
N ILE B 172 -11.59 11.85 -7.97
CA ILE B 172 -12.40 11.59 -9.16
C ILE B 172 -13.63 12.51 -9.17
N SER B 173 -14.19 12.72 -10.35
CA SER B 173 -15.43 13.49 -10.48
C SER B 173 -16.35 12.84 -11.51
N GLN B 174 -17.58 13.34 -11.59
CA GLN B 174 -18.55 12.85 -12.56
C GLN B 174 -17.96 12.86 -13.97
N PRO B 175 -18.28 11.84 -14.79
CA PRO B 175 -17.74 11.81 -16.15
C PRO B 175 -18.10 13.08 -16.92
N SER B 176 -17.20 13.55 -17.79
CA SER B 176 -17.51 14.72 -18.60
C SER B 176 -18.61 14.42 -19.62
N THR B 177 -18.58 13.21 -20.17
CA THR B 177 -19.60 12.75 -21.11
C THR B 177 -20.10 11.34 -20.77
N PRO B 178 -21.42 11.08 -20.93
CA PRO B 178 -22.48 12.04 -21.26
C PRO B 178 -22.74 12.99 -20.10
N PRO B 179 -22.94 14.29 -20.40
CA PRO B 179 -23.09 15.30 -19.35
C PRO B 179 -24.24 14.97 -18.41
N GLY B 180 -24.01 15.15 -17.10
CA GLY B 180 -25.02 14.87 -16.10
C GLY B 180 -24.95 13.50 -15.44
N THR B 181 -24.30 12.54 -16.11
CA THR B 181 -24.21 11.18 -15.57
C THR B 181 -23.32 11.15 -14.32
N ASP B 182 -23.57 10.16 -13.47
CA ASP B 182 -22.91 10.09 -12.17
C ASP B 182 -21.73 9.12 -12.21
N ILE B 183 -20.88 9.21 -11.19
CA ILE B 183 -19.81 8.24 -10.99
C ILE B 183 -20.40 6.85 -10.73
N ASN B 184 -19.85 5.83 -11.36
CA ASN B 184 -20.23 4.45 -11.08
C ASN B 184 -19.02 3.52 -11.01
N LEU B 185 -18.50 3.35 -9.81
CA LEU B 185 -17.27 2.57 -9.61
C LEU B 185 -17.47 1.05 -9.67
N TRP B 186 -18.71 0.62 -9.93
CA TRP B 186 -18.97 -0.79 -10.20
C TRP B 186 -18.51 -1.14 -11.62
N GLU B 187 -18.19 -0.10 -12.39
CA GLU B 187 -17.77 -0.27 -13.77
C GLU B 187 -16.27 -0.06 -13.94
N ILE B 188 -15.74 -0.62 -15.02
CA ILE B 188 -14.35 -0.43 -15.42
C ILE B 188 -14.26 0.48 -16.64
N PRO B 189 -13.09 1.09 -16.88
CA PRO B 189 -12.99 1.94 -18.06
C PRO B 189 -12.88 1.11 -19.35
N ASP B 190 -12.97 1.79 -20.49
CA ASP B 190 -12.84 1.11 -21.77
C ASP B 190 -11.37 1.05 -22.18
N TYR B 191 -10.74 -0.09 -21.93
CA TYR B 191 -9.30 -0.26 -22.16
C TYR B 191 -8.95 -0.31 -23.64
N GLY B 192 -9.90 -0.76 -24.44
CA GLY B 192 -9.67 -1.00 -25.86
C GLY B 192 -9.75 0.24 -26.72
N SER B 193 -9.66 0.03 -28.03
CA SER B 193 -9.76 1.10 -29.00
C SER B 193 -10.97 0.87 -29.92
N SER B 194 -11.31 1.88 -30.72
CA SER B 194 -12.50 1.80 -31.58
C SER B 194 -12.44 0.69 -32.63
N LEU B 195 -11.23 0.16 -32.86
CA LEU B 195 -11.03 -0.92 -33.83
C LEU B 195 -10.47 -2.21 -33.23
N SER B 196 -10.05 -2.15 -31.96
CA SER B 196 -9.45 -3.30 -31.29
C SER B 196 -9.86 -3.41 -29.81
N GLN B 197 -10.41 -4.57 -29.45
CA GLN B 197 -10.77 -4.88 -28.06
C GLN B 197 -9.53 -5.16 -27.22
N ALA B 198 -9.63 -4.91 -25.92
CA ALA B 198 -8.53 -5.18 -25.00
C ALA B 198 -8.38 -6.68 -24.77
N ALA B 199 -7.17 -7.17 -24.96
CA ALA B 199 -6.88 -8.59 -24.80
C ALA B 199 -6.49 -8.93 -23.35
N ASN B 200 -6.85 -10.14 -22.94
CA ASN B 200 -6.51 -10.70 -21.62
C ASN B 200 -7.13 -9.93 -20.44
N LEU B 201 -8.31 -9.37 -20.66
CA LEU B 201 -9.10 -8.81 -19.56
C LEU B 201 -9.47 -9.94 -18.60
N ALA B 202 -9.35 -9.67 -17.30
CA ALA B 202 -9.89 -10.59 -16.31
C ALA B 202 -11.37 -10.75 -16.63
N PRO B 203 -11.89 -12.00 -16.57
CA PRO B 203 -13.27 -12.20 -17.02
C PRO B 203 -14.31 -11.63 -16.05
N PRO B 204 -15.56 -11.45 -16.52
CA PRO B 204 -16.64 -10.99 -15.63
C PRO B 204 -16.98 -12.01 -14.54
N VAL B 205 -17.46 -11.50 -13.41
CA VAL B 205 -17.94 -12.34 -12.32
C VAL B 205 -19.44 -12.12 -12.23
N PHE B 206 -20.20 -13.20 -12.35
CA PHE B 206 -21.66 -13.13 -12.39
C PHE B 206 -22.26 -13.49 -11.03
N PRO B 207 -23.44 -12.92 -10.71
CA PRO B 207 -24.14 -13.34 -9.49
C PRO B 207 -24.36 -14.85 -9.51
N PRO B 208 -23.98 -15.55 -8.42
CA PRO B 208 -23.99 -17.01 -8.39
C PRO B 208 -25.39 -17.64 -8.39
N GLY B 209 -26.40 -16.88 -7.98
CA GLY B 209 -27.76 -17.39 -7.85
C GLY B 209 -27.89 -18.44 -6.76
N PHE B 210 -28.99 -19.19 -6.78
CA PHE B 210 -29.25 -20.28 -5.83
C PHE B 210 -29.11 -19.84 -4.37
N GLY B 211 -29.56 -18.63 -4.08
CA GLY B 211 -29.52 -18.08 -2.72
C GLY B 211 -28.21 -17.39 -2.34
N GLU B 212 -27.15 -17.64 -3.12
CA GLU B 212 -25.84 -17.04 -2.84
C GLU B 212 -25.74 -15.64 -3.46
N ALA B 213 -24.89 -14.81 -2.85
CA ALA B 213 -24.64 -13.45 -3.34
C ALA B 213 -23.18 -13.14 -3.18
N LEU B 214 -22.64 -12.38 -4.12
CA LEU B 214 -21.25 -11.92 -4.07
C LEU B 214 -21.03 -10.91 -2.94
N VAL B 215 -19.89 -11.04 -2.27
CA VAL B 215 -19.50 -10.16 -1.18
C VAL B 215 -18.46 -9.18 -1.73
N TYR B 216 -18.67 -7.89 -1.46
CA TYR B 216 -17.74 -6.84 -1.89
C TYR B 216 -17.17 -6.09 -0.70
N PHE B 217 -15.89 -5.77 -0.78
CA PHE B 217 -15.20 -4.98 0.23
C PHE B 217 -15.05 -3.56 -0.27
N VAL B 218 -15.47 -2.60 0.54
CA VAL B 218 -15.56 -1.21 0.09
C VAL B 218 -14.69 -0.23 0.88
N SER B 219 -14.12 0.72 0.16
CA SER B 219 -13.37 1.85 0.75
C SER B 219 -13.76 3.14 0.05
N ALA B 220 -13.79 4.25 0.79
CA ALA B 220 -14.14 5.54 0.21
C ALA B 220 -12.99 6.24 -0.50
N PHE B 221 -13.29 6.90 -1.62
CA PHE B 221 -12.28 7.58 -2.43
C PHE B 221 -12.67 9.05 -2.64
N PRO B 222 -11.68 9.98 -2.62
CA PRO B 222 -12.01 11.42 -2.70
C PRO B 222 -12.68 11.88 -3.99
N GLY B 223 -13.57 12.86 -3.84
CA GLY B 223 -14.22 13.48 -4.99
C GLY B 223 -15.72 13.66 -4.81
N PRO B 224 -16.31 14.59 -5.58
CA PRO B 224 -17.75 14.80 -5.57
C PRO B 224 -18.50 13.73 -6.35
N ASN B 225 -19.83 13.74 -6.21
CA ASN B 225 -20.71 12.96 -7.08
C ASN B 225 -22.13 13.52 -6.99
N ASN B 226 -23.02 13.04 -7.86
CA ASN B 226 -24.39 13.58 -7.90
C ASN B 226 -25.21 13.32 -6.63
N ARG B 227 -24.71 12.41 -5.79
CA ARG B 227 -25.39 12.05 -4.54
C ARG B 227 -24.89 12.85 -3.33
N SER B 228 -23.83 13.65 -3.55
CA SER B 228 -23.21 14.43 -2.47
C SER B 228 -22.80 13.52 -1.31
N ALA B 229 -22.31 12.32 -1.66
CA ALA B 229 -21.98 11.30 -0.69
C ALA B 229 -20.59 10.71 -1.00
N PRO B 230 -20.07 9.81 -0.13
CA PRO B 230 -18.77 9.21 -0.45
C PRO B 230 -18.78 8.39 -1.74
N ASN B 231 -17.68 8.45 -2.48
CA ASN B 231 -17.44 7.54 -3.61
C ASN B 231 -16.93 6.20 -3.07
N ASP B 232 -17.76 5.18 -3.11
CA ASP B 232 -17.39 3.88 -2.55
C ASP B 232 -16.82 2.95 -3.61
N VAL B 233 -15.66 2.37 -3.30
CA VAL B 233 -14.94 1.51 -4.25
C VAL B 233 -15.07 0.05 -3.80
N PRO B 234 -15.87 -0.74 -4.54
CA PRO B 234 -16.01 -2.16 -4.21
C PRO B 234 -14.90 -3.01 -4.82
N CYS B 235 -14.43 -4.01 -4.08
CA CYS B 235 -13.48 -4.99 -4.63
C CYS B 235 -13.83 -6.40 -4.16
N LEU B 236 -13.29 -7.41 -4.82
CA LEU B 236 -13.66 -8.79 -4.52
C LEU B 236 -12.84 -9.46 -3.42
N LEU B 237 -11.61 -8.98 -3.23
CA LEU B 237 -10.69 -9.58 -2.27
C LEU B 237 -9.83 -8.52 -1.60
N PRO B 238 -9.53 -8.69 -0.31
CA PRO B 238 -8.50 -7.82 0.28
C PRO B 238 -7.16 -8.03 -0.41
N GLN B 239 -6.37 -6.98 -0.58
CA GLN B 239 -5.08 -7.14 -1.24
C GLN B 239 -4.19 -8.16 -0.52
N GLU B 240 -4.26 -8.19 0.80
CA GLU B 240 -3.44 -9.12 1.58
C GLU B 240 -3.74 -10.58 1.26
N TYR B 241 -4.98 -10.87 0.87
CA TYR B 241 -5.36 -12.22 0.44
C TYR B 241 -4.62 -12.56 -0.84
N ILE B 242 -4.56 -11.59 -1.75
CA ILE B 242 -3.85 -11.78 -3.02
C ILE B 242 -2.36 -12.05 -2.80
N THR B 243 -1.72 -11.22 -1.99
CA THR B 243 -0.30 -11.39 -1.67
C THR B 243 -0.06 -12.78 -1.06
N HIS B 244 -0.95 -13.17 -0.15
CA HIS B 244 -0.91 -14.48 0.49
C HIS B 244 -1.01 -15.61 -0.54
N PHE B 245 -1.96 -15.51 -1.46
CA PHE B 245 -2.15 -16.57 -2.47
C PHE B 245 -0.95 -16.70 -3.40
N VAL B 246 -0.38 -15.55 -3.78
CA VAL B 246 0.80 -15.52 -4.64
C VAL B 246 2.01 -16.18 -3.97
N SER B 247 2.19 -15.89 -2.68
CA SER B 247 3.29 -16.46 -1.92
C SER B 247 3.07 -17.94 -1.60
N GLU B 248 1.84 -18.31 -1.24
CA GLU B 248 1.54 -19.67 -0.78
C GLU B 248 1.35 -20.69 -1.90
N GLN B 249 0.65 -20.27 -2.96
CA GLN B 249 0.37 -21.11 -4.14
C GLN B 249 -0.24 -22.47 -3.75
N ALA B 250 -1.24 -22.41 -2.86
CA ALA B 250 -1.91 -23.61 -2.39
C ALA B 250 -2.93 -24.08 -3.43
N PRO B 251 -2.89 -25.38 -3.78
CA PRO B 251 -3.80 -25.91 -4.80
C PRO B 251 -5.24 -25.91 -4.32
N THR B 252 -6.17 -25.67 -5.24
CA THR B 252 -7.59 -25.70 -4.93
C THR B 252 -8.08 -27.15 -4.96
N MET B 253 -8.65 -27.60 -3.85
CA MET B 253 -9.06 -29.01 -3.74
C MET B 253 -10.56 -29.21 -3.55
N GLY B 254 -11.32 -28.15 -3.80
CA GLY B 254 -12.77 -28.24 -3.78
C GLY B 254 -13.39 -27.20 -4.70
N ASP B 255 -14.69 -27.30 -4.90
CA ASP B 255 -15.41 -26.29 -5.67
C ASP B 255 -15.40 -24.93 -4.95
N ALA B 256 -15.26 -24.97 -3.63
CA ALA B 256 -15.16 -23.76 -2.80
C ALA B 256 -14.41 -24.02 -1.49
N ALA B 257 -13.82 -22.97 -0.94
CA ALA B 257 -13.24 -23.04 0.41
C ALA B 257 -14.27 -22.49 1.41
N LEU B 258 -14.66 -23.32 2.37
CA LEU B 258 -15.58 -22.87 3.42
C LEU B 258 -14.83 -22.05 4.46
N LEU B 259 -15.32 -20.82 4.67
CA LEU B 259 -14.74 -19.93 5.67
C LEU B 259 -15.73 -19.61 6.77
N HIS B 260 -15.21 -19.44 7.98
CA HIS B 260 -15.98 -18.85 9.08
C HIS B 260 -15.45 -17.45 9.36
N TYR B 261 -16.37 -16.51 9.53
CA TYR B 261 -15.99 -15.16 9.89
C TYR B 261 -16.12 -15.07 11.40
N VAL B 262 -14.98 -14.98 12.08
CA VAL B 262 -14.93 -15.20 13.53
C VAL B 262 -14.56 -13.92 14.28
N ASP B 263 -15.25 -13.66 15.39
CA ASP B 263 -14.89 -12.58 16.29
C ASP B 263 -13.68 -13.04 17.10
N PRO B 264 -12.53 -12.35 16.94
CA PRO B 264 -11.30 -12.79 17.61
C PRO B 264 -11.35 -12.63 19.13
N ASP B 265 -12.23 -11.76 19.62
CA ASP B 265 -12.38 -11.51 21.06
C ASP B 265 -13.08 -12.65 21.79
N THR B 266 -14.08 -13.26 21.14
CA THR B 266 -14.91 -14.29 21.78
C THR B 266 -14.72 -15.66 21.13
N ASN B 267 -14.14 -15.67 19.94
CA ASN B 267 -13.99 -16.86 19.09
C ASN B 267 -15.32 -17.43 18.57
N ARG B 268 -16.35 -16.59 18.57
CA ARG B 268 -17.65 -16.97 18.03
C ARG B 268 -17.73 -16.80 16.52
N ASN B 269 -18.33 -17.79 15.87
CA ASN B 269 -18.57 -17.76 14.44
C ASN B 269 -19.75 -16.84 14.10
N LEU B 270 -19.48 -15.80 13.32
CA LEU B 270 -20.47 -14.80 12.97
C LEU B 270 -21.15 -15.03 11.62
N GLY B 271 -20.60 -15.95 10.83
CA GLY B 271 -21.21 -16.30 9.54
C GLY B 271 -20.34 -17.19 8.68
N GLU B 272 -20.98 -17.99 7.84
CA GLU B 272 -20.28 -18.88 6.91
C GLU B 272 -20.20 -18.23 5.53
N PHE B 273 -19.04 -18.37 4.89
CA PHE B 273 -18.82 -17.84 3.54
C PHE B 273 -18.14 -18.90 2.68
N LYS B 274 -18.35 -18.81 1.36
CA LYS B 274 -17.59 -19.63 0.42
C LYS B 274 -16.62 -18.75 -0.35
N LEU B 275 -15.35 -19.14 -0.35
CA LEU B 275 -14.35 -18.52 -1.22
C LEU B 275 -14.15 -19.43 -2.42
N TYR B 276 -14.56 -18.95 -3.59
CA TYR B 276 -14.45 -19.72 -4.82
C TYR B 276 -13.06 -19.64 -5.42
N PRO B 277 -12.66 -20.68 -6.19
CA PRO B 277 -11.33 -20.73 -6.80
C PRO B 277 -11.03 -19.52 -7.67
N GLY B 278 -12.06 -18.95 -8.29
CA GLY B 278 -11.91 -17.78 -9.14
C GLY B 278 -11.56 -16.50 -8.40
N GLY B 279 -11.55 -16.53 -7.08
CA GLY B 279 -11.08 -15.40 -6.27
C GLY B 279 -12.17 -14.43 -5.85
N TYR B 280 -13.29 -14.97 -5.38
CA TYR B 280 -14.37 -14.14 -4.87
C TYR B 280 -15.11 -14.88 -3.78
N LEU B 281 -15.82 -14.12 -2.95
CA LEU B 281 -16.56 -14.67 -1.82
C LEU B 281 -18.05 -14.56 -2.02
N THR B 282 -18.77 -15.57 -1.53
CA THR B 282 -20.22 -15.50 -1.46
C THR B 282 -20.72 -15.82 -0.05
N CYS B 283 -21.96 -15.40 0.21
CA CYS B 283 -22.69 -15.80 1.40
C CYS B 283 -24.15 -15.96 1.01
N VAL B 284 -24.94 -16.51 1.91
CA VAL B 284 -26.38 -16.59 1.69
C VAL B 284 -27.05 -15.59 2.62
N PRO B 285 -27.60 -14.49 2.07
CA PRO B 285 -28.34 -13.54 2.89
C PRO B 285 -29.61 -14.19 3.44
N ASN B 286 -29.92 -13.91 4.70
CA ASN B 286 -31.11 -14.47 5.36
C ASN B 286 -32.34 -13.60 5.12
N GLY B 287 -32.70 -13.43 3.85
CA GLY B 287 -33.79 -12.55 3.45
C GLY B 287 -33.32 -11.11 3.26
N VAL B 288 -34.28 -10.20 3.09
CA VAL B 288 -33.99 -8.79 2.88
C VAL B 288 -33.58 -8.12 4.19
N GLY B 289 -32.65 -7.16 4.11
CA GLY B 289 -32.09 -6.50 5.29
C GLY B 289 -30.93 -7.30 5.87
N ALA B 290 -30.81 -8.56 5.45
CA ALA B 290 -29.76 -9.45 5.93
C ALA B 290 -28.58 -9.45 4.96
N GLY B 291 -27.44 -9.88 5.46
CA GLY B 291 -26.22 -9.91 4.66
C GLY B 291 -25.01 -9.55 5.49
N PRO B 292 -23.82 -9.55 4.86
CA PRO B 292 -22.57 -9.34 5.57
C PRO B 292 -22.42 -7.92 6.13
N GLN B 293 -23.18 -6.97 5.59
CA GLN B 293 -23.15 -5.59 6.07
C GLN B 293 -23.71 -5.42 7.49
N GLN B 294 -24.37 -6.47 7.99
CA GLN B 294 -24.88 -6.47 9.38
C GLN B 294 -23.81 -6.87 10.40
N LEU B 295 -22.68 -7.36 9.90
CA LEU B 295 -21.64 -7.93 10.74
C LEU B 295 -20.57 -6.90 11.15
N PRO B 296 -19.99 -7.07 12.37
CA PRO B 296 -18.88 -6.22 12.78
C PRO B 296 -17.69 -6.39 11.83
N LEU B 297 -16.85 -5.36 11.74
CA LEU B 297 -15.74 -5.39 10.80
C LEU B 297 -14.42 -5.82 11.42
N ASN B 298 -14.45 -6.25 12.68
CA ASN B 298 -13.24 -6.70 13.38
C ASN B 298 -13.04 -8.21 13.33
N GLY B 299 -13.83 -8.88 12.50
CA GLY B 299 -13.74 -10.34 12.39
C GLY B 299 -12.58 -10.82 11.55
N VAL B 300 -12.24 -12.09 11.72
CA VAL B 300 -11.18 -12.75 10.95
C VAL B 300 -11.79 -13.94 10.21
N PHE B 301 -11.58 -14.02 8.90
CA PHE B 301 -11.99 -15.20 8.15
C PHE B 301 -11.02 -16.34 8.43
N LEU B 302 -11.58 -17.54 8.62
CA LEU B 302 -10.79 -18.73 8.93
C LEU B 302 -11.20 -19.86 7.99
N PHE B 303 -10.22 -20.49 7.37
CA PHE B 303 -10.49 -21.64 6.51
C PHE B 303 -10.89 -22.83 7.36
N VAL B 304 -12.03 -23.43 7.01
CA VAL B 304 -12.58 -24.57 7.72
C VAL B 304 -12.32 -25.87 6.96
N SER B 305 -12.77 -25.91 5.71
CA SER B 305 -12.73 -27.13 4.90
C SER B 305 -12.95 -26.84 3.42
N TRP B 306 -12.43 -27.70 2.57
CA TRP B 306 -12.84 -27.70 1.17
C TRP B 306 -14.24 -28.32 1.08
N VAL B 307 -15.10 -27.72 0.27
CA VAL B 307 -16.46 -28.21 0.07
C VAL B 307 -16.80 -28.24 -1.41
N SER B 308 -17.84 -28.99 -1.76
CA SER B 308 -18.39 -28.95 -3.11
C SER B 308 -19.21 -27.67 -3.30
N ARG B 309 -19.44 -27.28 -4.55
CA ARG B 309 -20.20 -26.06 -4.88
C ARG B 309 -21.65 -26.16 -4.43
N PHE B 310 -22.08 -27.40 -4.19
CA PHE B 310 -23.44 -27.72 -3.80
C PHE B 310 -23.62 -27.70 -2.28
N TYR B 311 -22.53 -27.48 -1.55
CA TYR B 311 -22.60 -27.28 -0.10
C TYR B 311 -23.51 -26.08 0.18
N GLN B 312 -24.49 -26.29 1.06
CA GLN B 312 -25.47 -25.26 1.37
C GLN B 312 -25.01 -24.43 2.56
N LEU B 313 -24.78 -23.14 2.30
CA LEU B 313 -24.36 -22.22 3.34
C LEU B 313 -25.50 -21.88 4.29
N LYS B 314 -25.17 -21.81 5.58
CA LYS B 314 -26.06 -21.26 6.59
C LYS B 314 -26.26 -19.76 6.28
N PRO B 315 -27.52 -19.29 6.24
CA PRO B 315 -27.80 -17.88 5.99
C PRO B 315 -27.14 -16.97 7.02
N VAL B 316 -26.69 -15.80 6.57
CA VAL B 316 -25.93 -14.88 7.42
C VAL B 316 -26.73 -13.61 7.76
C1 NAG C . 10.12 31.04 -1.40
C2 NAG C . 9.52 29.71 -0.94
C3 NAG C . 10.60 28.62 -0.90
C4 NAG C . 11.44 28.56 -2.17
C5 NAG C . 11.87 29.97 -2.60
C6 NAG C . 12.56 30.01 -3.96
C7 NAG C . 7.59 29.65 0.55
C8 NAG C . 7.09 29.84 1.96
N2 NAG C . 8.90 29.85 0.37
O1 NAG C . 9.09 31.99 -1.53
O3 NAG C . 10.03 27.35 -0.66
O4 NAG C . 12.55 27.73 -1.89
O5 NAG C . 10.74 30.84 -2.66
O6 NAG C . 11.67 29.58 -4.96
O7 NAG C . 6.81 29.37 -0.35
C1 GAL C . 10.38 26.87 0.65
C2 GAL C . 9.48 25.67 0.95
C3 GAL C . 9.87 25.03 2.28
C4 GAL C . 11.38 24.78 2.39
C5 GAL C . 12.13 26.07 2.06
C6 GAL C . 13.64 25.87 2.13
O2 GAL C . 8.14 26.09 1.03
O3 GAL C . 9.16 23.82 2.44
O4 GAL C . 11.81 23.74 1.56
O5 GAL C . 11.75 26.51 0.76
O6 GAL C . 14.27 27.13 2.21
C1 FUC C . 12.91 26.80 -2.94
C2 FUC C . 14.31 26.25 -2.66
C3 FUC C . 14.32 25.22 -1.53
C4 FUC C . 13.22 24.16 -1.69
C5 FUC C . 11.87 24.81 -2.06
C6 FUC C . 10.78 23.79 -2.35
O2 FUC C . 15.17 27.32 -2.33
O3 FUC C . 15.58 24.59 -1.46
O4 FUC C . 13.61 23.21 -2.65
O5 FUC C . 12.00 25.70 -3.15
C1 NAG D . -16.28 24.20 -14.91
C2 NAG D . -15.46 22.93 -14.66
C3 NAG D . -16.35 21.82 -14.11
C4 NAG D . -17.22 22.33 -12.94
C5 NAG D . -17.92 23.64 -13.31
C6 NAG D . -18.75 24.24 -12.18
C7 NAG D . -13.49 22.50 -16.04
C8 NAG D . -12.98 22.01 -17.37
N2 NAG D . -14.81 22.49 -15.88
O3 NAG D . -15.57 20.73 -13.68
O4 NAG D . -18.15 21.29 -12.66
O5 NAG D . -16.94 24.58 -13.72
O6 NAG D . -17.92 24.55 -11.07
O7 NAG D . -12.69 22.88 -15.18
C1 GAL D . -15.68 19.59 -14.55
C2 GAL D . -14.56 18.62 -14.17
C3 GAL D . -14.65 17.36 -15.02
C4 GAL D . -16.06 16.75 -15.00
C5 GAL D . -17.08 17.83 -15.36
C6 GAL D . -18.50 17.28 -15.30
O2 GAL D . -13.31 19.26 -14.38
O3 GAL D . -13.69 16.43 -14.59
O4 GAL D . -16.36 16.25 -13.71
O5 GAL D . -16.94 18.92 -14.47
O6 GAL D . -19.40 18.27 -15.73
C1 FUC D . -18.35 21.02 -11.27
C2 FUC D . -19.56 20.09 -11.18
C3 FUC D . -19.20 18.73 -11.76
C4 FUC D . -17.97 18.15 -11.05
C5 FUC D . -16.83 19.17 -11.07
C6 FUC D . -15.60 18.71 -10.28
O2 FUC D . -20.65 20.67 -11.89
O3 FUC D . -20.29 17.84 -11.66
O4 FUC D . -18.32 17.80 -9.73
O5 FUC D . -17.24 20.43 -10.58
NA NA E . 8.40 18.34 18.33
NA NA F . -10.80 3.10 -24.96
C1 NPO G . -16.62 28.83 -17.27
C2 NPO G . -17.58 28.10 -16.56
C3 NPO G . -17.21 26.92 -15.92
C4 NPO G . -15.89 26.48 -15.98
C5 NPO G . -14.93 27.22 -16.68
C6 NPO G . -15.30 28.38 -17.33
OH NPO G . -15.52 25.33 -15.35
N1 NPO G . -17.00 30.02 -17.92
O2 NPO G . -16.49 30.34 -18.98
O3 NPO G . -17.84 30.75 -17.41
#